data_4ZRQ
#
_entry.id   4ZRQ
#
_cell.length_a   98.404
_cell.length_b   98.404
_cell.length_c   356.341
_cell.angle_alpha   90.000
_cell.angle_beta   90.000
_cell.angle_gamma   90.000
#
_symmetry.space_group_name_H-M   'P 43 21 2'
#
loop_
_entity.id
_entity.type
_entity.pdbx_description
1 polymer Transcobalamin-2
2 polymer 'CD320 antigen'
3 non-polymer CYANOCOBALAMIN
4 non-polymer GLYCEROL
5 non-polymer 'CALCIUM ION'
6 water water
#
loop_
_entity_poly.entity_id
_entity_poly.type
_entity_poly.pdbx_seq_one_letter_code
_entity_poly.pdbx_strand_id
1 'polypeptide(L)'
;EMCEIPEMDSHLVEKLGQHLLPWMDRLSLEHLNPSIYVGLRLSSLQAGTKEDLYLHSLKLGYQQCLLGSAFSEDDGDCQG
KPSMGQLALYLLALRANCEFVRGHKGDRLVSQLKWFLEDEKRAIGHDHKGHPHTSYYQYGLGILALCLHQKRVHDSVVDK
LLYAVEPFHQGHHSVDTAAMAGLAFTCLKRSNFNPGRRQRITMAIRTVQEEILKAQTPEGHFGNVYSTPLALQFLMTSPM
RGAELGTACLKARVALLASLQDGAFQNALMISQLLPVLNHKTYIDLIFPDCLAPRVMLEPAAETIPQTQEIISVTLQVLS
LLPPYRQSISVLAGSTVEDVLKKAHELGGFTYETQASLSGPYLTSVMGKAAGEREFWQLLRDPNTPLLQGIADYRPKDGE
TIELRLVSW
;
A,B
2 'polypeptide(L)'
;SCPPTKFQCRTSGLCVPLTWRCDRDLDCSDGSDEECRIEPCTQKGQCPPPPGLPCPCTGVSDCSGGTDKKLRNCSRLACL
AGELRCTLSDDCIPLTWRCDGHPDCPDSSDELGCGTNE
;
C,D
#
loop_
_chem_comp.id
_chem_comp.type
_chem_comp.name
_chem_comp.formula
CA non-polymer 'CALCIUM ION' 'Ca 2'
CNC non-polymer CYANOCOBALAMIN 'C63 H89 Co N14 O14 P 2'
GOL non-polymer GLYCEROL 'C3 H8 O3'
#
# COMPACT_ATOMS: atom_id res chain seq x y z
N GLU A 1 -27.04 3.19 1.45
CA GLU A 1 -26.29 4.10 2.30
C GLU A 1 -24.98 3.45 2.76
N MET A 2 -24.51 3.81 3.94
CA MET A 2 -23.23 3.33 4.44
C MET A 2 -23.39 2.60 5.77
N CYS A 3 -22.52 1.61 6.02
CA CYS A 3 -22.57 0.81 7.24
C CYS A 3 -21.83 1.50 8.38
N GLU A 4 -22.58 1.99 9.37
CA GLU A 4 -21.97 2.67 10.50
C GLU A 4 -22.44 2.12 11.84
N ILE A 5 -21.48 1.80 12.70
CA ILE A 5 -21.77 1.38 14.06
C ILE A 5 -21.34 2.48 15.03
N PRO A 6 -22.28 3.32 15.47
CA PRO A 6 -21.99 4.38 16.43
C PRO A 6 -21.33 3.83 17.69
N GLU A 7 -20.43 4.61 18.28
CA GLU A 7 -19.59 4.13 19.38
C GLU A 7 -20.41 3.62 20.56
N MET A 8 -19.86 2.65 21.28
CA MET A 8 -20.58 2.11 22.43
C MET A 8 -19.96 2.61 23.72
N ASP A 9 -20.51 2.15 24.85
CA ASP A 9 -20.00 2.54 26.15
C ASP A 9 -18.57 2.07 26.32
N SER A 10 -17.71 2.98 26.76
CA SER A 10 -16.30 2.69 26.97
C SER A 10 -16.09 1.56 27.98
N HIS A 11 -17.02 1.44 28.93
CA HIS A 11 -16.91 0.43 29.97
C HIS A 11 -17.22 -0.96 29.42
N LEU A 12 -18.16 -1.03 28.50
CA LEU A 12 -18.46 -2.28 27.81
C LEU A 12 -17.26 -2.75 26.99
N VAL A 13 -16.61 -1.81 26.33
CA VAL A 13 -15.45 -2.12 25.50
C VAL A 13 -14.26 -2.54 26.34
N GLU A 14 -14.00 -1.81 27.42
CA GLU A 14 -12.89 -2.15 28.31
C GLU A 14 -13.12 -3.52 28.95
N LYS A 15 -14.38 -3.85 29.23
CA LYS A 15 -14.72 -5.16 29.76
C LYS A 15 -14.34 -6.27 28.78
N LEU A 16 -14.56 -6.03 27.49
CA LEU A 16 -14.15 -6.96 26.46
C LEU A 16 -12.63 -7.14 26.46
N GLY A 17 -11.91 -6.03 26.55
CA GLY A 17 -10.47 -6.05 26.57
C GLY A 17 -9.90 -6.82 27.74
N GLN A 18 -10.55 -6.69 28.90
CA GLN A 18 -10.08 -7.37 30.10
C GLN A 18 -10.22 -8.89 29.99
N HIS A 19 -11.18 -9.35 29.19
CA HIS A 19 -11.29 -10.77 28.88
C HIS A 19 -10.08 -11.21 28.08
N LEU A 20 -9.61 -10.31 27.22
CA LEU A 20 -8.50 -10.57 26.31
C LEU A 20 -7.14 -10.51 27.01
N LEU A 21 -7.09 -9.74 28.10
CA LEU A 21 -5.83 -9.42 28.78
C LEU A 21 -5.02 -10.62 29.33
N PRO A 22 -5.69 -11.62 29.95
CA PRO A 22 -4.90 -12.75 30.45
C PRO A 22 -4.10 -13.49 29.38
N TRP A 23 -4.63 -13.53 28.16
CA TRP A 23 -3.99 -14.25 27.07
C TRP A 23 -2.66 -13.62 26.66
N MET A 24 -2.49 -12.34 26.98
CA MET A 24 -1.26 -11.62 26.66
C MET A 24 -0.05 -12.17 27.40
N ASP A 25 -0.29 -12.94 28.46
CA ASP A 25 0.79 -13.51 29.25
C ASP A 25 1.00 -14.98 28.94
N ARG A 26 0.06 -15.57 28.20
CA ARG A 26 0.16 -16.97 27.80
C ARG A 26 0.88 -17.10 26.46
N LEU A 27 2.19 -17.30 26.52
CA LEU A 27 3.04 -17.30 25.33
C LEU A 27 3.40 -18.69 24.85
N SER A 28 2.78 -19.70 25.46
CA SER A 28 2.94 -21.08 25.02
C SER A 28 2.45 -21.22 23.59
N LEU A 29 3.21 -21.94 22.76
CA LEU A 29 2.87 -22.09 21.35
C LEU A 29 1.47 -22.68 21.19
N GLU A 30 1.04 -23.42 22.19
CA GLU A 30 -0.31 -23.97 22.24
C GLU A 30 -1.35 -22.86 22.41
N HIS A 31 -0.94 -21.78 23.08
CA HIS A 31 -1.87 -20.70 23.42
C HIS A 31 -1.72 -19.47 22.54
N LEU A 32 -0.59 -19.36 21.85
CA LEU A 32 -0.30 -18.20 21.02
C LEU A 32 -1.37 -18.02 19.95
N ASN A 33 -1.84 -16.78 19.81
CA ASN A 33 -2.99 -16.47 18.98
C ASN A 33 -2.79 -15.16 18.22
N PRO A 34 -2.40 -15.26 16.94
CA PRO A 34 -2.19 -14.06 16.12
C PRO A 34 -3.44 -13.21 15.96
N SER A 35 -4.62 -13.83 16.03
CA SER A 35 -5.87 -13.11 15.89
C SER A 35 -6.12 -12.18 17.07
N ILE A 36 -5.68 -12.60 18.25
CA ILE A 36 -5.80 -11.78 19.45
C ILE A 36 -4.95 -10.51 19.29
N TYR A 37 -3.74 -10.68 18.78
CA TYR A 37 -2.84 -9.55 18.54
C TYR A 37 -3.41 -8.56 17.53
N VAL A 38 -3.93 -9.07 16.41
CA VAL A 38 -4.54 -8.21 15.39
C VAL A 38 -5.71 -7.43 15.95
N GLY A 39 -6.59 -8.13 16.66
CA GLY A 39 -7.80 -7.54 17.19
C GLY A 39 -7.51 -6.47 18.22
N LEU A 40 -6.45 -6.67 19.00
CA LEU A 40 -6.07 -5.70 20.02
C LEU A 40 -5.47 -4.45 19.37
N ARG A 41 -4.66 -4.63 18.32
CA ARG A 41 -4.05 -3.48 17.65
C ARG A 41 -5.07 -2.61 16.90
N LEU A 42 -6.11 -3.25 16.36
CA LEU A 42 -7.12 -2.52 15.60
C LEU A 42 -8.17 -1.89 16.51
N SER A 43 -8.04 -2.14 17.81
CA SER A 43 -9.01 -1.64 18.78
C SER A 43 -8.61 -0.30 19.36
N SER A 44 -9.44 0.20 20.26
CA SER A 44 -9.13 1.41 21.00
C SER A 44 -8.37 1.05 22.28
N LEU A 45 -8.09 -0.25 22.43
CA LEU A 45 -7.47 -0.74 23.66
C LEU A 45 -6.04 -1.23 23.43
N GLN A 46 -5.28 -1.31 24.52
CA GLN A 46 -3.85 -1.55 24.44
C GLN A 46 -3.36 -2.35 25.65
N ALA A 47 -2.30 -3.14 25.46
CA ALA A 47 -1.71 -3.90 26.56
C ALA A 47 -0.30 -3.42 26.88
N GLY A 48 0.14 -2.39 26.17
CA GLY A 48 1.43 -1.78 26.43
C GLY A 48 2.59 -2.62 25.94
N THR A 49 3.62 -2.71 26.77
CA THR A 49 4.84 -3.44 26.43
C THR A 49 4.59 -4.94 26.27
N LYS A 50 3.48 -5.43 26.84
CA LYS A 50 3.09 -6.82 26.68
C LYS A 50 2.89 -7.21 25.21
N GLU A 51 2.48 -6.24 24.40
CA GLU A 51 2.21 -6.48 22.98
C GLU A 51 3.46 -6.84 22.21
N ASP A 52 4.54 -6.10 22.43
CA ASP A 52 5.81 -6.33 21.76
C ASP A 52 6.34 -7.74 22.05
N LEU A 53 6.25 -8.15 23.31
CA LEU A 53 6.66 -9.50 23.69
C LEU A 53 5.79 -10.55 23.02
N TYR A 54 4.50 -10.26 22.91
CA TYR A 54 3.57 -11.18 22.26
C TYR A 54 3.94 -11.36 20.79
N LEU A 55 4.24 -10.26 20.13
CA LEU A 55 4.64 -10.30 18.73
C LEU A 55 5.93 -11.08 18.52
N HIS A 56 6.90 -10.87 19.43
CA HIS A 56 8.18 -11.57 19.35
C HIS A 56 7.97 -13.08 19.47
N SER A 57 7.05 -13.48 20.35
CA SER A 57 6.72 -14.88 20.54
C SER A 57 6.12 -15.46 19.26
N LEU A 58 5.23 -14.71 18.62
CA LEU A 58 4.65 -15.11 17.35
C LEU A 58 5.73 -15.30 16.28
N LYS A 59 6.66 -14.35 16.23
CA LYS A 59 7.76 -14.42 15.28
C LYS A 59 8.66 -15.62 15.53
N LEU A 60 8.91 -15.92 16.81
CA LEU A 60 9.71 -17.09 17.17
C LEU A 60 9.03 -18.38 16.75
N GLY A 61 7.84 -18.61 17.31
CA GLY A 61 7.08 -19.81 17.07
C GLY A 61 6.87 -20.12 15.60
N TYR A 62 6.26 -19.17 14.89
CA TYR A 62 5.89 -19.39 13.50
C TYR A 62 7.08 -19.60 12.58
N GLN A 63 8.13 -18.81 12.75
CA GLN A 63 9.27 -18.91 11.85
C GLN A 63 10.18 -20.12 12.12
N GLN A 64 10.24 -20.57 13.36
CA GLN A 64 11.09 -21.71 13.65
C GLN A 64 10.40 -23.04 13.33
N CYS A 65 9.14 -23.16 13.70
CA CYS A 65 8.43 -24.42 13.43
C CYS A 65 8.11 -24.61 11.94
N LEU A 66 7.67 -23.58 11.24
CA LEU A 66 7.33 -23.75 9.82
C LEU A 66 8.59 -23.83 8.95
N LEU A 67 9.73 -23.41 9.49
CA LEU A 67 10.99 -23.41 8.73
C LEU A 67 12.05 -24.30 9.35
N GLY A 68 11.69 -25.00 10.42
CA GLY A 68 12.65 -25.85 11.13
C GLY A 68 12.73 -27.26 10.58
N CYS A 78 9.68 -28.36 17.67
CA CYS A 78 8.33 -28.11 18.14
C CYS A 78 7.51 -29.27 18.68
N GLN A 79 6.24 -28.95 18.82
CA GLN A 79 5.21 -29.91 19.11
C GLN A 79 4.24 -29.86 17.97
N GLY A 80 3.33 -28.89 18.00
CA GLY A 80 2.36 -28.76 16.94
C GLY A 80 2.60 -27.45 16.23
N LYS A 81 3.44 -27.45 15.19
CA LYS A 81 3.71 -26.25 14.40
C LYS A 81 2.39 -25.65 13.92
N PRO A 82 2.35 -24.34 13.65
CA PRO A 82 1.03 -23.82 13.26
C PRO A 82 0.56 -24.35 11.91
N SER A 83 -0.75 -24.33 11.73
CA SER A 83 -1.36 -24.61 10.44
C SER A 83 -1.11 -23.45 9.48
N MET A 84 -1.40 -23.68 8.20
CA MET A 84 -1.25 -22.64 7.18
C MET A 84 -2.29 -21.55 7.34
N GLY A 85 -3.47 -21.92 7.82
CA GLY A 85 -4.52 -20.95 8.10
C GLY A 85 -4.06 -20.00 9.20
N GLN A 86 -3.37 -20.54 10.19
CA GLN A 86 -2.86 -19.75 11.29
C GLN A 86 -1.67 -18.89 10.83
N LEU A 87 -0.91 -19.40 9.86
CA LEU A 87 0.16 -18.62 9.26
C LEU A 87 -0.40 -17.38 8.57
N ALA A 88 -1.57 -17.50 7.97
CA ALA A 88 -2.22 -16.38 7.31
C ALA A 88 -2.53 -15.27 8.32
N LEU A 89 -3.03 -15.65 9.49
CA LEU A 89 -3.34 -14.70 10.53
C LEU A 89 -2.07 -14.08 11.11
N TYR A 90 -0.99 -14.85 11.13
CA TYR A 90 0.30 -14.33 11.55
C TYR A 90 0.74 -13.19 10.63
N LEU A 91 0.42 -13.34 9.34
CA LEU A 91 0.71 -12.30 8.35
C LEU A 91 -0.09 -11.03 8.64
N LEU A 92 -1.34 -11.19 9.04
CA LEU A 92 -2.18 -10.07 9.42
C LEU A 92 -1.58 -9.35 10.63
N ALA A 93 -0.98 -10.13 11.54
CA ALA A 93 -0.34 -9.58 12.73
C ALA A 93 0.87 -8.72 12.39
N LEU A 94 1.61 -9.12 11.36
CA LEU A 94 2.77 -8.34 10.92
C LEU A 94 2.30 -6.98 10.42
N ARG A 95 1.22 -6.97 9.67
CA ARG A 95 0.63 -5.72 9.17
C ARG A 95 0.16 -4.83 10.32
N ALA A 96 -0.37 -5.45 11.38
CA ALA A 96 -0.87 -4.72 12.54
C ALA A 96 0.26 -3.99 13.26
N ASN A 97 1.49 -4.38 12.94
CA ASN A 97 2.68 -3.73 13.47
C ASN A 97 3.41 -2.95 12.38
N CYS A 98 2.72 -2.67 11.29
CA CYS A 98 3.27 -1.92 10.16
C CYS A 98 4.52 -2.58 9.60
N GLU A 99 4.48 -3.92 9.50
CA GLU A 99 5.55 -4.66 8.88
C GLU A 99 5.08 -5.37 7.62
N PHE A 100 5.94 -5.40 6.62
CA PHE A 100 5.75 -6.29 5.49
C PHE A 100 6.59 -7.54 5.73
N VAL A 101 6.03 -8.69 5.38
CA VAL A 101 6.76 -9.94 5.44
C VAL A 101 7.99 -9.82 4.52
N ARG A 102 9.16 -10.15 5.03
CA ARG A 102 10.39 -9.80 4.34
C ARG A 102 11.57 -10.70 4.75
N GLY A 103 12.66 -10.60 3.99
CA GLY A 103 13.83 -11.43 4.23
C GLY A 103 13.59 -12.85 3.75
N HIS A 104 14.60 -13.70 3.89
CA HIS A 104 14.52 -15.06 3.39
C HIS A 104 13.48 -15.92 4.13
N LYS A 105 13.39 -15.78 5.46
CA LYS A 105 12.38 -16.52 6.20
C LYS A 105 11.00 -16.04 5.81
N GLY A 106 10.87 -14.72 5.70
CA GLY A 106 9.62 -14.11 5.32
C GLY A 106 9.20 -14.59 3.95
N ASP A 107 10.12 -14.51 2.99
CA ASP A 107 9.85 -14.92 1.63
C ASP A 107 9.43 -16.39 1.54
N ARG A 108 10.01 -17.24 2.39
CA ARG A 108 9.71 -18.65 2.31
C ARG A 108 8.36 -18.96 2.97
N LEU A 109 8.01 -18.19 3.99
CA LEU A 109 6.70 -18.30 4.62
C LEU A 109 5.60 -17.94 3.63
N VAL A 110 5.86 -16.90 2.84
CA VAL A 110 4.94 -16.49 1.79
C VAL A 110 4.68 -17.62 0.80
N SER A 111 5.76 -18.25 0.34
CA SER A 111 5.63 -19.32 -0.64
C SER A 111 4.93 -20.55 -0.05
N GLN A 112 5.09 -20.77 1.25
CA GLN A 112 4.40 -21.86 1.93
C GLN A 112 2.89 -21.63 1.87
N LEU A 113 2.48 -20.40 2.16
CA LEU A 113 1.07 -20.04 2.11
C LEU A 113 0.56 -20.12 0.67
N LYS A 114 1.40 -19.72 -0.28
CA LYS A 114 1.04 -19.82 -1.69
C LYS A 114 0.89 -21.29 -2.10
N TRP A 115 1.70 -22.17 -1.51
CA TRP A 115 1.56 -23.59 -1.74
C TRP A 115 0.25 -24.12 -1.17
N PHE A 116 -0.14 -23.56 -0.02
CA PHE A 116 -1.39 -23.93 0.61
C PHE A 116 -2.57 -23.68 -0.32
N LEU A 117 -2.60 -22.49 -0.91
CA LEU A 117 -3.67 -22.13 -1.84
C LEU A 117 -3.64 -22.95 -3.12
N GLU A 118 -2.44 -23.25 -3.60
CA GLU A 118 -2.28 -24.06 -4.80
C GLU A 118 -2.81 -25.48 -4.59
N ASP A 119 -2.49 -26.07 -3.44
CA ASP A 119 -2.95 -27.41 -3.12
C ASP A 119 -4.47 -27.43 -2.99
N GLU A 120 -5.00 -26.42 -2.34
CA GLU A 120 -6.44 -26.33 -2.11
C GLU A 120 -7.16 -26.10 -3.44
N LYS A 121 -6.56 -25.34 -4.35
CA LYS A 121 -7.10 -25.16 -5.68
C LYS A 121 -7.18 -26.47 -6.45
N ARG A 122 -6.13 -27.28 -6.36
CA ARG A 122 -6.08 -28.58 -7.01
C ARG A 122 -7.14 -29.52 -6.45
N ALA A 123 -7.39 -29.41 -5.15
CA ALA A 123 -8.38 -30.25 -4.48
C ALA A 123 -9.80 -29.91 -4.94
N ILE A 124 -10.05 -28.63 -5.17
CA ILE A 124 -11.35 -28.15 -5.65
C ILE A 124 -11.58 -28.62 -7.08
N GLY A 125 -10.54 -28.55 -7.90
CA GLY A 125 -10.57 -29.09 -9.26
C GLY A 125 -11.01 -28.13 -10.33
N HIS A 126 -10.64 -28.43 -11.58
CA HIS A 126 -11.09 -27.68 -12.76
C HIS A 126 -12.60 -27.78 -12.89
N ASP A 127 -13.14 -28.73 -12.14
CA ASP A 127 -14.54 -29.11 -12.12
C ASP A 127 -15.39 -28.27 -11.14
N HIS A 128 -14.80 -27.95 -9.98
CA HIS A 128 -15.41 -27.22 -8.85
C HIS A 128 -16.36 -28.02 -7.95
N LYS A 129 -16.31 -29.35 -8.00
CA LYS A 129 -17.11 -30.14 -7.08
C LYS A 129 -16.38 -30.32 -5.76
N GLY A 130 -15.09 -30.60 -5.86
CA GLY A 130 -14.29 -30.97 -4.71
C GLY A 130 -14.31 -29.95 -3.60
N HIS A 131 -14.17 -30.43 -2.38
CA HIS A 131 -14.08 -29.56 -1.23
C HIS A 131 -12.62 -29.23 -0.99
N PRO A 132 -12.36 -28.06 -0.40
CA PRO A 132 -11.01 -27.81 0.11
C PRO A 132 -10.72 -28.76 1.27
N HIS A 133 -9.45 -29.07 1.50
CA HIS A 133 -9.08 -29.92 2.64
C HIS A 133 -9.43 -29.21 3.96
N THR A 134 -9.51 -27.89 3.93
CA THR A 134 -9.88 -27.13 5.10
C THR A 134 -11.27 -26.51 4.95
N SER A 135 -11.33 -25.32 4.37
CA SER A 135 -12.60 -24.62 4.17
C SER A 135 -12.41 -23.42 3.26
N TYR A 136 -13.50 -22.96 2.65
CA TYR A 136 -13.44 -21.75 1.82
C TYR A 136 -13.13 -20.53 2.67
N TYR A 137 -13.42 -20.61 3.96
CA TYR A 137 -13.05 -19.57 4.90
C TYR A 137 -11.53 -19.37 4.94
N GLN A 138 -10.78 -20.46 5.10
CA GLN A 138 -9.33 -20.38 5.13
C GLN A 138 -8.76 -20.04 3.76
N TYR A 139 -9.47 -20.44 2.72
CA TYR A 139 -9.10 -20.12 1.35
C TYR A 139 -9.14 -18.60 1.15
N GLY A 140 -10.25 -17.99 1.53
CA GLY A 140 -10.39 -16.54 1.46
C GLY A 140 -9.42 -15.82 2.36
N LEU A 141 -9.23 -16.34 3.57
CA LEU A 141 -8.32 -15.75 4.55
C LEU A 141 -6.88 -15.73 4.05
N GLY A 142 -6.48 -16.78 3.34
CA GLY A 142 -5.13 -16.88 2.81
C GLY A 142 -4.87 -15.92 1.67
N ILE A 143 -5.89 -15.72 0.83
CA ILE A 143 -5.80 -14.75 -0.25
C ILE A 143 -5.67 -13.34 0.32
N LEU A 144 -6.49 -13.04 1.32
CA LEU A 144 -6.45 -11.76 2.01
C LEU A 144 -5.06 -11.47 2.59
N ALA A 145 -4.51 -12.47 3.28
CA ALA A 145 -3.22 -12.33 3.94
C ALA A 145 -2.09 -12.01 2.96
N LEU A 146 -2.09 -12.70 1.83
CA LEU A 146 -1.07 -12.46 0.80
C LEU A 146 -1.27 -11.09 0.16
N CYS A 147 -2.52 -10.68 0.02
CA CYS A 147 -2.84 -9.40 -0.60
C CYS A 147 -2.38 -8.24 0.28
N LEU A 148 -2.60 -8.37 1.59
CA LEU A 148 -2.21 -7.33 2.54
C LEU A 148 -0.70 -7.07 2.54
N HIS A 149 0.07 -8.06 2.10
CA HIS A 149 1.51 -7.90 1.98
C HIS A 149 1.90 -7.67 0.54
N GLN A 150 0.92 -7.28 -0.27
CA GLN A 150 1.10 -7.01 -1.69
C GLN A 150 1.74 -8.17 -2.44
N LYS A 151 1.41 -9.39 -2.03
CA LYS A 151 1.80 -10.59 -2.75
C LYS A 151 0.64 -11.05 -3.64
N ARG A 152 0.93 -11.24 -4.92
CA ARG A 152 -0.13 -11.58 -5.89
C ARG A 152 -0.38 -13.08 -5.98
N VAL A 153 -1.65 -13.45 -6.14
CA VAL A 153 -2.01 -14.83 -6.47
C VAL A 153 -2.56 -14.87 -7.89
N HIS A 154 -2.44 -16.02 -8.54
CA HIS A 154 -2.86 -16.16 -9.93
C HIS A 154 -4.38 -16.11 -10.05
N ASP A 155 -4.87 -15.73 -11.23
CA ASP A 155 -6.31 -15.64 -11.48
C ASP A 155 -7.05 -16.93 -11.18
N SER A 156 -6.42 -18.06 -11.46
CA SER A 156 -7.05 -19.37 -11.28
C SER A 156 -7.33 -19.65 -9.81
N VAL A 157 -6.52 -19.08 -8.92
CA VAL A 157 -6.75 -19.22 -7.50
C VAL A 157 -7.97 -18.39 -7.08
N VAL A 158 -8.01 -17.14 -7.55
CA VAL A 158 -9.13 -16.25 -7.27
C VAL A 158 -10.43 -16.82 -7.83
N ASP A 159 -10.35 -17.43 -9.01
CA ASP A 159 -11.52 -18.03 -9.65
C ASP A 159 -12.29 -19.00 -8.75
N LYS A 160 -11.56 -19.78 -7.94
CA LYS A 160 -12.20 -20.73 -7.04
C LYS A 160 -13.08 -20.01 -6.02
N LEU A 161 -12.58 -18.89 -5.49
CA LEU A 161 -13.33 -18.12 -4.52
C LEU A 161 -14.51 -17.42 -5.20
N LEU A 162 -14.28 -16.91 -6.41
CA LEU A 162 -15.33 -16.30 -7.21
C LEU A 162 -16.46 -17.28 -7.47
N TYR A 163 -16.12 -18.46 -7.97
CA TYR A 163 -17.14 -19.47 -8.31
C TYR A 163 -17.90 -19.94 -7.08
N ALA A 164 -17.25 -19.89 -5.91
CA ALA A 164 -17.89 -20.33 -4.67
C ALA A 164 -19.02 -19.39 -4.23
N VAL A 165 -18.98 -18.13 -4.66
CA VAL A 165 -20.00 -17.17 -4.27
C VAL A 165 -20.83 -16.66 -5.44
N GLU A 166 -20.38 -16.93 -6.66
CA GLU A 166 -21.05 -16.37 -7.84
C GLU A 166 -22.40 -17.06 -8.06
N PRO A 167 -23.19 -16.59 -9.05
CA PRO A 167 -24.49 -17.22 -9.28
C PRO A 167 -24.39 -18.68 -9.71
N PHE A 168 -25.36 -19.46 -9.25
CA PHE A 168 -25.43 -20.89 -9.49
C PHE A 168 -24.15 -21.52 -8.98
N HIS A 169 -23.84 -21.28 -7.71
CA HIS A 169 -22.67 -21.88 -7.10
C HIS A 169 -23.13 -23.14 -6.40
N GLN A 170 -22.21 -24.08 -6.18
CA GLN A 170 -22.61 -25.25 -5.43
C GLN A 170 -22.36 -25.04 -3.95
N GLY A 171 -22.97 -25.88 -3.13
CA GLY A 171 -22.87 -25.73 -1.69
C GLY A 171 -23.54 -24.48 -1.15
N HIS A 172 -23.58 -24.40 0.18
CA HIS A 172 -24.08 -23.21 0.85
C HIS A 172 -23.03 -22.78 1.85
N HIS A 173 -22.81 -21.47 1.95
CA HIS A 173 -21.74 -20.98 2.79
C HIS A 173 -22.31 -20.16 3.95
N SER A 174 -21.65 -20.22 5.09
CA SER A 174 -22.03 -19.41 6.23
C SER A 174 -21.80 -17.94 5.97
N VAL A 175 -22.43 -17.09 6.78
CA VAL A 175 -22.17 -15.65 6.73
C VAL A 175 -20.70 -15.36 6.97
N ASP A 176 -20.11 -16.07 7.93
CA ASP A 176 -18.69 -15.95 8.26
C ASP A 176 -17.83 -16.15 7.03
N THR A 177 -18.08 -17.26 6.34
CA THR A 177 -17.33 -17.64 5.14
C THR A 177 -17.51 -16.61 4.02
N ALA A 178 -18.73 -16.12 3.85
CA ALA A 178 -19.00 -15.10 2.84
C ALA A 178 -18.29 -13.79 3.16
N ALA A 179 -18.30 -13.40 4.44
CA ALA A 179 -17.65 -12.17 4.88
C ALA A 179 -16.16 -12.20 4.60
N MET A 180 -15.52 -13.32 4.97
CA MET A 180 -14.09 -13.49 4.72
C MET A 180 -13.77 -13.45 3.24
N ALA A 181 -14.66 -14.00 2.41
CA ALA A 181 -14.49 -13.95 0.97
C ALA A 181 -14.53 -12.50 0.49
N GLY A 182 -15.51 -11.76 1.00
CA GLY A 182 -15.69 -10.36 0.64
C GLY A 182 -14.50 -9.50 1.04
N LEU A 183 -13.92 -9.81 2.19
CA LEU A 183 -12.73 -9.11 2.67
C LEU A 183 -11.56 -9.37 1.73
N ALA A 184 -11.41 -10.62 1.29
CA ALA A 184 -10.39 -10.98 0.31
C ALA A 184 -10.60 -10.21 -0.99
N PHE A 185 -11.82 -10.24 -1.50
CA PHE A 185 -12.17 -9.54 -2.74
C PHE A 185 -11.90 -8.04 -2.63
N THR A 186 -12.26 -7.46 -1.49
CA THR A 186 -12.09 -6.04 -1.25
C THR A 186 -10.63 -5.63 -1.29
N CYS A 187 -9.76 -6.45 -0.71
CA CYS A 187 -8.34 -6.16 -0.71
C CYS A 187 -7.79 -6.22 -2.14
N LEU A 188 -8.21 -7.24 -2.88
CA LEU A 188 -7.81 -7.38 -4.29
C LEU A 188 -8.23 -6.16 -5.10
N LYS A 189 -9.46 -5.71 -4.87
CA LYS A 189 -10.01 -4.59 -5.64
C LYS A 189 -9.28 -3.29 -5.33
N ARG A 190 -9.02 -3.05 -4.05
CA ARG A 190 -8.34 -1.82 -3.64
C ARG A 190 -6.89 -1.79 -4.11
N SER A 191 -6.29 -2.97 -4.27
CA SER A 191 -4.89 -3.07 -4.65
C SER A 191 -4.71 -3.18 -6.17
N ASN A 192 -5.83 -3.23 -6.89
CA ASN A 192 -5.83 -3.48 -8.34
C ASN A 192 -5.04 -4.76 -8.70
N PHE A 193 -5.20 -5.82 -7.93
CA PHE A 193 -4.36 -7.01 -8.08
C PHE A 193 -4.70 -8.10 -9.11
N ASN A 194 -5.95 -8.22 -9.53
CA ASN A 194 -6.28 -9.23 -10.53
C ASN A 194 -7.11 -8.65 -11.67
N PRO A 195 -6.51 -7.72 -12.44
CA PRO A 195 -7.24 -6.95 -13.46
C PRO A 195 -8.02 -7.83 -14.44
N GLY A 196 -7.59 -9.07 -14.64
CA GLY A 196 -8.31 -9.98 -15.52
C GLY A 196 -9.59 -10.49 -14.86
N ARG A 197 -9.74 -10.21 -13.57
CA ARG A 197 -10.92 -10.62 -12.82
C ARG A 197 -11.60 -9.43 -12.14
N ARG A 198 -11.22 -8.23 -12.56
CA ARG A 198 -11.65 -6.99 -11.93
C ARG A 198 -13.16 -6.88 -11.79
N GLN A 199 -13.83 -7.06 -12.92
CA GLN A 199 -15.27 -6.90 -13.02
C GLN A 199 -16.02 -7.99 -12.27
N ARG A 200 -15.45 -9.20 -12.27
CA ARG A 200 -16.04 -10.30 -11.51
C ARG A 200 -15.83 -10.10 -10.01
N ILE A 201 -14.65 -9.62 -9.63
CA ILE A 201 -14.36 -9.30 -8.24
C ILE A 201 -15.32 -8.23 -7.74
N THR A 202 -15.53 -7.20 -8.55
CA THR A 202 -16.47 -6.13 -8.23
C THR A 202 -17.89 -6.67 -8.01
N MET A 203 -18.31 -7.60 -8.87
CA MET A 203 -19.64 -8.19 -8.76
C MET A 203 -19.76 -9.15 -7.57
N ALA A 204 -18.66 -9.80 -7.22
CA ALA A 204 -18.65 -10.73 -6.10
C ALA A 204 -18.86 -10.01 -4.77
N ILE A 205 -18.23 -8.85 -4.64
CA ILE A 205 -18.37 -8.02 -3.45
C ILE A 205 -19.83 -7.63 -3.22
N ARG A 206 -20.51 -7.22 -4.29
CA ARG A 206 -21.93 -6.91 -4.22
C ARG A 206 -22.76 -8.14 -3.87
N THR A 207 -22.42 -9.28 -4.47
CA THR A 207 -23.12 -10.54 -4.20
C THR A 207 -23.04 -10.89 -2.73
N VAL A 208 -21.84 -10.84 -2.18
CA VAL A 208 -21.60 -11.14 -0.77
C VAL A 208 -22.42 -10.19 0.11
N GLN A 209 -22.54 -8.93 -0.31
CA GLN A 209 -23.28 -7.96 0.49
C GLN A 209 -24.77 -8.27 0.61
N GLU A 210 -25.38 -8.67 -0.49
CA GLU A 210 -26.80 -9.01 -0.51
C GLU A 210 -27.06 -10.33 0.20
N GLU A 211 -26.13 -11.25 0.11
CA GLU A 211 -26.26 -12.54 0.78
C GLU A 211 -26.25 -12.33 2.29
N ILE A 212 -25.37 -11.43 2.74
CA ILE A 212 -25.25 -11.13 4.16
C ILE A 212 -26.46 -10.37 4.70
N LEU A 213 -26.95 -9.37 3.95
CA LEU A 213 -28.14 -8.63 4.37
C LEU A 213 -29.38 -9.51 4.41
N LYS A 214 -29.48 -10.43 3.46
CA LYS A 214 -30.62 -11.34 3.40
C LYS A 214 -30.55 -12.36 4.53
N ALA A 215 -29.34 -12.56 5.06
CA ALA A 215 -29.12 -13.49 6.15
C ALA A 215 -29.37 -12.83 7.51
N GLN A 216 -29.82 -11.59 7.50
CA GLN A 216 -30.07 -10.88 8.75
C GLN A 216 -31.35 -11.37 9.43
N THR A 217 -31.18 -11.82 10.66
CA THR A 217 -32.27 -12.35 11.47
C THR A 217 -33.18 -11.24 11.99
N PRO A 218 -34.43 -11.60 12.40
CA PRO A 218 -35.34 -10.61 12.98
C PRO A 218 -34.81 -9.93 14.25
N GLU A 219 -33.87 -10.56 14.96
CA GLU A 219 -33.30 -9.93 16.15
C GLU A 219 -32.25 -8.89 15.79
N GLY A 220 -31.70 -8.99 14.59
CA GLY A 220 -30.76 -7.99 14.10
C GLY A 220 -29.41 -8.55 13.70
N HIS A 221 -29.10 -9.77 14.14
CA HIS A 221 -27.82 -10.39 13.84
C HIS A 221 -27.73 -10.86 12.40
N PHE A 222 -26.51 -10.98 11.88
CA PHE A 222 -26.29 -11.52 10.55
C PHE A 222 -25.91 -13.00 10.65
N GLY A 223 -26.90 -13.87 10.52
CA GLY A 223 -26.69 -15.30 10.72
C GLY A 223 -26.89 -15.65 12.18
N ASN A 224 -25.84 -15.46 12.99
CA ASN A 224 -25.95 -15.51 14.44
C ASN A 224 -25.09 -14.44 15.06
N VAL A 225 -25.15 -14.31 16.39
CA VAL A 225 -24.41 -13.29 17.12
C VAL A 225 -22.90 -13.31 16.81
N TYR A 226 -22.36 -14.50 16.58
CA TYR A 226 -20.92 -14.65 16.39
C TYR A 226 -20.47 -14.53 14.93
N SER A 227 -21.43 -14.33 14.04
CA SER A 227 -21.12 -14.06 12.64
C SER A 227 -21.17 -12.56 12.40
N THR A 228 -21.96 -11.88 13.23
CA THR A 228 -22.16 -10.43 13.13
C THR A 228 -20.85 -9.62 13.13
N PRO A 229 -19.87 -9.94 14.00
CA PRO A 229 -18.65 -9.12 13.93
C PRO A 229 -17.94 -9.14 12.57
N LEU A 230 -17.63 -10.33 12.04
CA LEU A 230 -16.93 -10.42 10.76
C LEU A 230 -17.78 -9.89 9.62
N ALA A 231 -19.10 -10.11 9.71
CA ALA A 231 -20.02 -9.57 8.72
C ALA A 231 -19.99 -8.05 8.72
N LEU A 232 -19.97 -7.46 9.91
CA LEU A 232 -19.92 -6.01 10.03
C LEU A 232 -18.60 -5.46 9.51
N GLN A 233 -17.50 -6.17 9.80
CA GLN A 233 -16.22 -5.81 9.23
C GLN A 233 -16.31 -5.67 7.72
N PHE A 234 -16.87 -6.69 7.06
CA PHE A 234 -16.97 -6.63 5.60
C PHE A 234 -17.90 -5.50 5.15
N LEU A 235 -19.06 -5.39 5.78
CA LEU A 235 -20.05 -4.39 5.37
C LEU A 235 -19.53 -2.96 5.51
N MET A 236 -18.64 -2.75 6.47
CA MET A 236 -18.08 -1.42 6.73
C MET A 236 -17.11 -0.94 5.66
N THR A 237 -16.60 -1.86 4.84
CA THR A 237 -15.50 -1.54 3.94
C THR A 237 -15.93 -0.85 2.65
N SER A 238 -17.21 -0.95 2.30
CA SER A 238 -17.70 -0.35 1.06
C SER A 238 -19.12 0.16 1.21
N PRO A 239 -19.47 1.19 0.43
CA PRO A 239 -20.86 1.63 0.46
C PRO A 239 -21.76 0.70 -0.36
N MET A 240 -23.06 0.79 -0.12
CA MET A 240 -24.04 -0.04 -0.80
C MET A 240 -25.17 0.81 -1.32
N ARG A 241 -25.09 1.25 -2.56
CA ARG A 241 -26.14 2.09 -3.08
C ARG A 241 -27.31 1.27 -3.57
N GLY A 242 -28.50 1.86 -3.44
CA GLY A 242 -29.73 1.16 -3.74
C GLY A 242 -30.24 0.38 -2.56
N ALA A 243 -29.35 -0.01 -1.67
CA ALA A 243 -29.75 -0.76 -0.49
C ALA A 243 -29.81 0.10 0.75
N GLU A 244 -30.42 -0.43 1.80
CA GLU A 244 -30.50 0.27 3.07
C GLU A 244 -29.53 -0.36 4.02
N LEU A 245 -28.28 0.08 3.92
CA LEU A 245 -27.21 -0.49 4.70
C LEU A 245 -27.22 0.08 6.09
N GLY A 246 -27.44 1.40 6.17
CA GLY A 246 -27.47 2.11 7.44
C GLY A 246 -28.40 1.47 8.45
N THR A 247 -29.66 1.29 8.07
CA THR A 247 -30.66 0.71 8.97
C THR A 247 -30.31 -0.72 9.35
N ALA A 248 -29.78 -1.47 8.39
CA ALA A 248 -29.38 -2.85 8.63
C ALA A 248 -28.29 -2.91 9.69
N CYS A 249 -27.30 -2.04 9.55
CA CYS A 249 -26.19 -1.99 10.49
C CYS A 249 -26.61 -1.47 11.86
N LEU A 250 -27.56 -0.53 11.90
CA LEU A 250 -28.06 -0.05 13.17
C LEU A 250 -28.89 -1.10 13.89
N LYS A 251 -29.64 -1.90 13.14
CA LYS A 251 -30.39 -2.97 13.76
C LYS A 251 -29.44 -4.06 14.22
N ALA A 252 -28.28 -4.16 13.57
CA ALA A 252 -27.27 -5.11 14.01
C ALA A 252 -26.64 -4.62 15.30
N ARG A 253 -26.49 -3.31 15.43
CA ARG A 253 -25.93 -2.71 16.64
C ARG A 253 -26.81 -3.00 17.85
N VAL A 254 -28.11 -2.81 17.69
CA VAL A 254 -29.07 -3.10 18.76
C VAL A 254 -28.95 -4.55 19.20
N ALA A 255 -28.87 -5.47 18.23
CA ALA A 255 -28.72 -6.89 18.51
C ALA A 255 -27.38 -7.18 19.19
N LEU A 256 -26.33 -6.54 18.68
CA LEU A 256 -24.99 -6.71 19.21
C LEU A 256 -24.93 -6.24 20.67
N LEU A 257 -25.49 -5.06 20.92
CA LEU A 257 -25.52 -4.45 22.24
C LEU A 257 -26.19 -5.35 23.28
N ALA A 258 -27.34 -5.90 22.91
CA ALA A 258 -28.08 -6.80 23.80
C ALA A 258 -27.27 -8.04 24.13
N SER A 259 -26.57 -8.56 23.12
CA SER A 259 -25.73 -9.74 23.30
C SER A 259 -24.54 -9.45 24.21
N LEU A 260 -23.98 -8.26 24.10
CA LEU A 260 -22.87 -7.85 24.96
C LEU A 260 -23.31 -7.78 26.42
N GLN A 261 -24.43 -7.11 26.65
CA GLN A 261 -24.98 -6.94 28.00
C GLN A 261 -25.46 -8.27 28.57
N ASP A 262 -25.57 -9.28 27.72
CA ASP A 262 -25.98 -10.62 28.14
C ASP A 262 -24.78 -11.56 28.29
N GLY A 263 -23.58 -11.02 28.10
CA GLY A 263 -22.35 -11.78 28.26
C GLY A 263 -22.06 -12.80 27.18
N ALA A 264 -22.56 -12.55 25.98
CA ALA A 264 -22.36 -13.47 24.85
C ALA A 264 -20.90 -13.58 24.41
N PHE A 265 -20.12 -12.52 24.62
CA PHE A 265 -18.74 -12.50 24.11
C PHE A 265 -17.70 -12.72 25.19
N GLN A 266 -17.31 -13.97 25.37
CA GLN A 266 -16.33 -14.33 26.39
C GLN A 266 -15.14 -15.02 25.74
N ASN A 267 -15.37 -15.63 24.58
CA ASN A 267 -14.33 -16.30 23.81
C ASN A 267 -13.37 -15.25 23.22
N ALA A 268 -12.07 -15.50 23.35
CA ALA A 268 -11.06 -14.52 22.99
C ALA A 268 -11.00 -14.18 21.49
N LEU A 269 -11.13 -15.18 20.64
CA LEU A 269 -11.05 -14.94 19.19
C LEU A 269 -12.28 -14.17 18.72
N MET A 270 -13.43 -14.47 19.29
CA MET A 270 -14.65 -13.75 18.97
C MET A 270 -14.54 -12.28 19.33
N ILE A 271 -13.95 -12.01 20.50
CA ILE A 271 -13.70 -10.65 20.94
C ILE A 271 -12.71 -9.96 20.01
N SER A 272 -11.71 -10.71 19.55
CA SER A 272 -10.68 -10.17 18.67
C SER A 272 -11.22 -9.85 17.28
N GLN A 273 -12.38 -10.41 16.95
CA GLN A 273 -13.03 -10.12 15.67
C GLN A 273 -14.01 -8.97 15.81
N LEU A 274 -14.45 -8.73 17.04
CA LEU A 274 -15.43 -7.69 17.32
C LEU A 274 -14.79 -6.34 17.65
N LEU A 275 -13.67 -6.38 18.36
CA LEU A 275 -13.00 -5.15 18.81
C LEU A 275 -12.65 -4.18 17.68
N PRO A 276 -12.14 -4.67 16.54
CA PRO A 276 -11.93 -3.71 15.44
C PRO A 276 -13.21 -2.97 15.03
N VAL A 277 -14.33 -3.68 14.96
CA VAL A 277 -15.62 -3.07 14.62
C VAL A 277 -15.99 -1.96 15.61
N LEU A 278 -15.75 -2.20 16.89
CA LEU A 278 -16.10 -1.22 17.92
C LEU A 278 -15.18 0.00 17.86
N ASN A 279 -14.11 -0.12 17.08
CA ASN A 279 -13.17 0.98 16.88
C ASN A 279 -13.24 1.53 15.46
N HIS A 280 -14.29 1.14 14.74
CA HIS A 280 -14.51 1.57 13.35
C HIS A 280 -13.41 1.11 12.41
N LYS A 281 -12.84 -0.05 12.69
CA LYS A 281 -11.78 -0.58 11.84
C LYS A 281 -12.07 -2.02 11.41
N THR A 282 -11.41 -2.45 10.34
CA THR A 282 -11.56 -3.80 9.81
C THR A 282 -10.19 -4.32 9.40
N TYR A 283 -10.12 -5.57 8.97
CA TYR A 283 -8.87 -6.15 8.48
C TYR A 283 -8.35 -5.42 7.24
N ILE A 284 -9.26 -4.74 6.52
CA ILE A 284 -8.88 -3.99 5.34
C ILE A 284 -8.04 -2.76 5.73
N ASP A 285 -8.15 -2.32 6.98
CA ASP A 285 -7.33 -1.23 7.47
C ASP A 285 -5.86 -1.64 7.62
N LEU A 286 -5.56 -2.90 7.34
CA LEU A 286 -4.19 -3.40 7.43
C LEU A 286 -3.42 -3.16 6.14
N ILE A 287 -4.10 -2.70 5.11
CA ILE A 287 -3.44 -2.23 3.89
C ILE A 287 -2.61 -0.99 4.22
N PHE A 288 -3.26 -0.03 4.87
CA PHE A 288 -2.58 1.17 5.34
C PHE A 288 -2.77 1.30 6.84
N PRO A 289 -1.98 0.53 7.61
CA PRO A 289 -2.16 0.51 9.07
C PRO A 289 -1.69 1.80 9.73
N ASP A 290 -2.35 2.16 10.82
CA ASP A 290 -1.99 3.31 11.62
C ASP A 290 -1.57 2.82 13.01
N CYS A 291 -0.30 2.44 13.13
CA CYS A 291 0.18 1.72 14.29
C CYS A 291 0.32 2.62 15.52
N LEU A 292 0.37 3.92 15.30
CA LEU A 292 0.67 4.87 16.38
C LEU A 292 -0.56 5.62 16.86
N ALA A 293 -1.73 5.25 16.35
CA ALA A 293 -2.98 5.83 16.82
C ALA A 293 -3.15 5.51 18.30
N PRO A 294 -3.51 6.52 19.11
CA PRO A 294 -3.57 6.37 20.57
C PRO A 294 -4.58 5.34 21.03
N ARG A 295 -4.19 4.51 22.00
CA ARG A 295 -5.06 3.49 22.53
C ARG A 295 -5.03 3.50 24.06
N VAL A 296 -6.20 3.32 24.67
CA VAL A 296 -6.30 3.31 26.13
C VAL A 296 -5.64 2.06 26.70
N MET A 297 -4.81 2.26 27.72
CA MET A 297 -4.10 1.16 28.36
C MET A 297 -5.05 0.30 29.17
N LEU A 298 -4.91 -1.01 29.04
CA LEU A 298 -5.72 -1.94 29.82
C LEU A 298 -5.00 -2.31 31.11
N GLU A 299 -5.75 -2.28 32.20
CA GLU A 299 -5.24 -2.75 33.48
C GLU A 299 -6.08 -3.96 33.88
N PRO A 300 -5.48 -4.89 34.65
CA PRO A 300 -6.21 -6.11 35.02
C PRO A 300 -7.49 -5.79 35.77
N ALA A 301 -8.59 -6.47 35.44
CA ALA A 301 -9.80 -6.29 36.20
C ALA A 301 -9.55 -6.79 37.62
N ALA A 302 -9.81 -5.94 38.60
CA ALA A 302 -9.57 -6.27 40.00
C ALA A 302 -10.70 -7.09 40.62
N GLU A 303 -11.54 -7.67 39.78
CA GLU A 303 -12.82 -8.22 40.19
C GLU A 303 -12.68 -9.49 41.02
N THR A 304 -13.26 -9.48 42.22
CA THR A 304 -13.45 -10.67 43.03
C THR A 304 -14.38 -11.67 42.35
N ILE A 305 -13.86 -12.81 41.90
CA ILE A 305 -14.74 -13.88 41.42
C ILE A 305 -15.48 -14.57 42.57
N PRO A 306 -16.81 -14.67 42.44
CA PRO A 306 -17.61 -15.34 43.47
C PRO A 306 -17.53 -16.86 43.31
N GLN A 307 -17.56 -17.62 44.40
CA GLN A 307 -17.56 -19.07 44.26
C GLN A 307 -18.96 -19.60 44.53
N THR A 308 -19.48 -20.39 43.60
CA THR A 308 -20.80 -20.97 43.74
C THR A 308 -20.86 -22.05 44.83
N GLN A 309 -22.08 -22.30 45.29
CA GLN A 309 -22.31 -23.32 46.30
C GLN A 309 -23.35 -24.28 45.76
N GLU A 310 -23.72 -24.13 44.50
CA GLU A 310 -24.78 -24.95 43.94
C GLU A 310 -24.29 -26.06 43.02
N ILE A 311 -24.95 -27.20 43.13
CA ILE A 311 -24.72 -28.35 42.29
C ILE A 311 -25.80 -28.44 41.20
N ILE A 312 -25.38 -28.61 39.96
CA ILE A 312 -26.35 -28.86 38.89
C ILE A 312 -26.08 -30.23 38.27
N SER A 313 -27.09 -30.80 37.64
CA SER A 313 -26.92 -32.06 36.93
C SER A 313 -27.18 -31.87 35.45
N VAL A 314 -26.30 -32.44 34.63
CA VAL A 314 -26.40 -32.36 33.18
C VAL A 314 -26.41 -33.75 32.57
N THR A 315 -27.36 -34.03 31.70
CA THR A 315 -27.38 -35.31 31.01
C THR A 315 -26.49 -35.24 29.76
N LEU A 316 -25.49 -36.11 29.72
CA LEU A 316 -24.62 -36.21 28.57
C LEU A 316 -25.01 -37.42 27.75
N GLN A 317 -25.22 -37.25 26.45
CA GLN A 317 -25.58 -38.39 25.62
C GLN A 317 -24.88 -38.37 24.27
N VAL A 318 -24.52 -39.57 23.83
CA VAL A 318 -23.94 -39.81 22.52
C VAL A 318 -24.68 -40.96 21.86
N LEU A 319 -25.37 -40.68 20.76
CA LEU A 319 -26.14 -41.71 20.09
C LEU A 319 -25.49 -42.13 18.78
N SER A 320 -24.33 -41.55 18.47
CA SER A 320 -23.63 -41.85 17.23
C SER A 320 -22.84 -43.15 17.31
N LEU A 321 -22.82 -43.76 18.49
CA LEU A 321 -22.00 -44.94 18.72
C LEU A 321 -22.80 -46.06 19.34
N LEU A 322 -22.45 -47.31 18.99
CA LEU A 322 -23.07 -48.47 19.62
C LEU A 322 -22.07 -49.16 20.54
N PRO A 323 -22.48 -49.45 21.79
CA PRO A 323 -23.77 -49.05 22.37
C PRO A 323 -23.79 -47.58 22.75
N PRO A 324 -24.99 -46.96 22.80
CA PRO A 324 -25.06 -45.53 23.05
C PRO A 324 -24.68 -45.16 24.48
N TYR A 325 -24.38 -43.88 24.69
CA TYR A 325 -24.01 -43.37 25.99
C TYR A 325 -25.05 -42.38 26.46
N ARG A 326 -25.52 -42.54 27.70
CA ARG A 326 -26.41 -41.55 28.30
C ARG A 326 -26.26 -41.58 29.81
N GLN A 327 -25.67 -40.51 30.35
CA GLN A 327 -25.42 -40.40 31.78
C GLN A 327 -25.75 -39.02 32.33
N SER A 328 -26.26 -38.99 33.56
CA SER A 328 -26.45 -37.74 34.27
C SER A 328 -25.18 -37.38 35.04
N ILE A 329 -24.60 -36.24 34.69
CA ILE A 329 -23.34 -35.80 35.27
C ILE A 329 -23.56 -34.62 36.22
N SER A 330 -23.11 -34.76 37.47
CA SER A 330 -23.20 -33.67 38.44
C SER A 330 -21.93 -32.82 38.52
N VAL A 331 -22.10 -31.51 38.32
CA VAL A 331 -20.99 -30.56 38.37
C VAL A 331 -21.41 -29.27 39.09
N LEU A 332 -20.43 -28.47 39.52
CA LEU A 332 -20.72 -27.18 40.13
C LEU A 332 -21.43 -26.27 39.14
N ALA A 333 -22.38 -25.48 39.63
CA ALA A 333 -23.08 -24.53 38.78
C ALA A 333 -22.10 -23.52 38.18
N GLY A 334 -22.18 -23.32 36.87
CA GLY A 334 -21.28 -22.42 36.18
C GLY A 334 -20.22 -23.18 35.39
N SER A 335 -20.20 -24.50 35.55
CA SER A 335 -19.25 -25.35 34.83
C SER A 335 -19.51 -25.32 33.33
N THR A 336 -18.47 -25.63 32.55
CA THR A 336 -18.58 -25.71 31.11
C THR A 336 -18.92 -27.14 30.68
N VAL A 337 -19.24 -27.29 29.40
CA VAL A 337 -19.43 -28.63 28.82
C VAL A 337 -18.16 -29.47 28.98
N GLU A 338 -17.01 -28.83 28.82
CA GLU A 338 -15.74 -29.54 28.96
C GLU A 338 -15.55 -30.08 30.38
N ASP A 339 -16.07 -29.35 31.36
CA ASP A 339 -16.04 -29.81 32.75
C ASP A 339 -16.92 -31.04 32.90
N VAL A 340 -18.08 -31.01 32.25
CA VAL A 340 -19.00 -32.14 32.24
C VAL A 340 -18.32 -33.36 31.61
N LEU A 341 -17.68 -33.13 30.47
CA LEU A 341 -16.89 -34.17 29.80
C LEU A 341 -15.82 -34.73 30.71
N LYS A 342 -15.06 -33.84 31.37
CA LYS A 342 -14.03 -34.26 32.31
C LYS A 342 -14.59 -35.15 33.42
N LYS A 343 -15.74 -34.78 33.94
CA LYS A 343 -16.34 -35.52 35.05
C LYS A 343 -16.88 -36.87 34.58
N ALA A 344 -17.42 -36.90 33.36
CA ALA A 344 -17.87 -38.14 32.76
C ALA A 344 -16.71 -39.12 32.62
N HIS A 345 -15.56 -38.58 32.20
CA HIS A 345 -14.36 -39.39 32.04
C HIS A 345 -13.87 -39.90 33.40
N GLU A 346 -14.10 -39.11 34.44
CA GLU A 346 -13.65 -39.47 35.79
C GLU A 346 -14.53 -40.55 36.40
N LEU A 347 -15.74 -40.70 35.86
CA LEU A 347 -16.67 -41.72 36.35
C LEU A 347 -16.45 -43.05 35.65
N GLY A 348 -15.63 -43.04 34.62
CA GLY A 348 -15.41 -44.21 33.80
C GLY A 348 -16.53 -44.41 32.81
N GLY A 349 -16.23 -45.09 31.71
CA GLY A 349 -17.22 -45.37 30.69
C GLY A 349 -17.31 -44.30 29.62
N PHE A 350 -16.48 -43.27 29.74
CA PHE A 350 -16.47 -42.18 28.76
C PHE A 350 -15.05 -41.66 28.54
N THR A 351 -14.71 -41.42 27.28
CA THR A 351 -13.41 -40.86 26.93
C THR A 351 -13.59 -39.98 25.70
N TYR A 352 -12.65 -39.05 25.51
CA TYR A 352 -12.74 -38.09 24.42
C TYR A 352 -11.39 -37.48 24.11
N GLU A 353 -11.31 -36.74 23.02
CA GLU A 353 -10.07 -36.06 22.65
C GLU A 353 -10.34 -34.66 22.14
N THR A 354 -9.43 -33.74 22.44
CA THR A 354 -9.49 -32.38 21.91
C THR A 354 -8.18 -32.01 21.27
N GLN A 355 -8.22 -31.02 20.37
CA GLN A 355 -7.00 -30.42 19.86
C GLN A 355 -7.09 -28.90 19.98
N ALA A 356 -5.95 -28.24 20.00
CA ALA A 356 -5.92 -26.81 20.20
C ALA A 356 -6.28 -26.06 18.92
N SER A 357 -6.94 -24.93 19.08
CA SER A 357 -7.21 -24.03 17.97
C SER A 357 -7.26 -22.61 18.51
N LEU A 358 -7.40 -21.63 17.64
CA LEU A 358 -7.42 -20.24 18.07
C LEU A 358 -8.72 -19.90 18.78
N SER A 359 -9.71 -20.77 18.65
CA SER A 359 -11.00 -20.59 19.33
C SER A 359 -11.05 -21.38 20.64
N GLY A 360 -9.97 -22.08 20.96
CA GLY A 360 -9.92 -22.94 22.13
C GLY A 360 -9.96 -24.41 21.76
N PRO A 361 -10.20 -25.29 22.75
CA PRO A 361 -10.22 -26.74 22.54
C PRO A 361 -11.34 -27.22 21.61
N TYR A 362 -10.94 -27.96 20.58
CA TYR A 362 -11.84 -28.47 19.55
C TYR A 362 -12.04 -29.97 19.74
N LEU A 363 -13.30 -30.40 19.82
CA LEU A 363 -13.61 -31.80 20.08
C LEU A 363 -13.38 -32.64 18.82
N THR A 364 -12.44 -33.58 18.89
CA THR A 364 -12.06 -34.37 17.72
C THR A 364 -12.49 -35.83 17.79
N SER A 365 -12.56 -36.35 19.01
CA SER A 365 -12.86 -37.76 19.21
C SER A 365 -13.78 -37.96 20.41
N VAL A 366 -14.75 -38.85 20.27
CA VAL A 366 -15.62 -39.21 21.40
C VAL A 366 -15.68 -40.72 21.53
N MET A 367 -15.27 -41.21 22.70
CA MET A 367 -15.28 -42.64 23.02
C MET A 367 -14.60 -43.51 21.98
N GLY A 368 -13.45 -43.05 21.50
CA GLY A 368 -12.63 -43.85 20.61
C GLY A 368 -12.84 -43.53 19.14
N LYS A 369 -13.93 -42.83 18.84
CA LYS A 369 -14.29 -42.54 17.46
C LYS A 369 -13.86 -41.13 17.05
N ALA A 370 -12.84 -41.04 16.22
CA ALA A 370 -12.38 -39.75 15.71
C ALA A 370 -13.16 -39.39 14.45
N ALA A 371 -13.54 -38.12 14.35
CA ALA A 371 -14.21 -37.62 13.15
C ALA A 371 -13.29 -37.75 11.93
N GLY A 372 -13.82 -38.33 10.86
CA GLY A 372 -13.07 -38.47 9.63
C GLY A 372 -13.26 -37.28 8.70
N GLU A 373 -13.04 -37.51 7.42
CA GLU A 373 -13.07 -36.44 6.42
C GLU A 373 -14.46 -35.82 6.25
N ARG A 374 -14.50 -34.50 6.30
CA ARG A 374 -15.75 -33.73 6.21
C ARG A 374 -16.74 -34.21 7.26
N GLU A 375 -16.22 -34.68 8.39
CA GLU A 375 -17.05 -34.96 9.55
C GLU A 375 -16.56 -34.17 10.76
N PHE A 376 -17.46 -33.91 11.70
CA PHE A 376 -17.07 -33.34 12.97
C PHE A 376 -18.04 -33.75 14.05
N TRP A 377 -17.59 -33.64 15.30
CA TRP A 377 -18.46 -33.88 16.44
C TRP A 377 -19.22 -32.61 16.77
N GLN A 378 -20.52 -32.63 16.47
CA GLN A 378 -21.37 -31.47 16.66
C GLN A 378 -21.91 -31.41 18.08
N LEU A 379 -21.94 -30.22 18.66
CA LEU A 379 -22.47 -30.04 20.01
C LEU A 379 -23.90 -29.53 19.97
N LEU A 380 -24.79 -30.23 20.65
CA LEU A 380 -26.20 -29.86 20.68
C LEU A 380 -26.76 -29.83 22.09
N ARG A 381 -27.79 -29.01 22.28
CA ARG A 381 -28.55 -28.98 23.52
C ARG A 381 -30.00 -29.31 23.21
N ASP A 382 -30.81 -29.42 24.24
CA ASP A 382 -32.20 -29.81 24.04
C ASP A 382 -33.03 -28.57 23.75
N PRO A 383 -33.91 -28.63 22.75
CA PRO A 383 -34.22 -29.79 21.89
C PRO A 383 -33.57 -29.71 20.50
N ASN A 384 -32.65 -30.62 20.20
CA ASN A 384 -31.99 -30.70 18.89
C ASN A 384 -31.45 -29.36 18.39
N THR A 385 -30.84 -28.61 19.29
CA THR A 385 -30.38 -27.26 18.97
C THR A 385 -28.86 -27.17 19.07
N PRO A 386 -28.19 -26.98 17.93
CA PRO A 386 -26.73 -26.86 17.93
C PRO A 386 -26.27 -25.70 18.80
N LEU A 387 -25.22 -25.92 19.58
CA LEU A 387 -24.65 -24.88 20.41
C LEU A 387 -23.99 -23.81 19.56
N LEU A 388 -23.94 -22.59 20.08
CA LEU A 388 -23.24 -21.51 19.38
C LEU A 388 -21.85 -21.30 19.98
N GLN A 389 -21.51 -22.10 20.98
CA GLN A 389 -20.20 -22.03 21.61
C GLN A 389 -19.59 -23.42 21.76
N GLY A 390 -18.27 -23.48 21.92
CA GLY A 390 -17.58 -24.73 22.07
C GLY A 390 -17.62 -25.27 23.48
N ILE A 391 -16.98 -26.40 23.70
CA ILE A 391 -17.06 -27.10 24.98
C ILE A 391 -16.47 -26.30 26.14
N ALA A 392 -15.55 -25.40 25.84
CA ALA A 392 -14.88 -24.63 26.90
C ALA A 392 -15.60 -23.33 27.21
N ASP A 393 -16.62 -23.00 26.42
CA ASP A 393 -17.34 -21.74 26.60
C ASP A 393 -18.79 -21.94 27.02
N TYR A 394 -19.45 -22.95 26.46
CA TYR A 394 -20.86 -23.14 26.76
C TYR A 394 -21.06 -23.64 28.19
N ARG A 395 -21.96 -23.00 28.92
CA ARG A 395 -22.21 -23.34 30.31
C ARG A 395 -23.67 -23.76 30.50
N PRO A 396 -23.91 -25.09 30.53
CA PRO A 396 -25.25 -25.68 30.56
C PRO A 396 -26.03 -25.38 31.84
N LYS A 397 -27.34 -25.22 31.70
CA LYS A 397 -28.19 -25.00 32.85
C LYS A 397 -28.52 -26.33 33.52
N ASP A 398 -29.02 -26.26 34.75
CA ASP A 398 -29.42 -27.47 35.46
C ASP A 398 -30.55 -28.14 34.69
N GLY A 399 -30.39 -29.44 34.44
CA GLY A 399 -31.41 -30.21 33.77
C GLY A 399 -31.28 -30.25 32.25
N GLU A 400 -30.32 -29.53 31.71
CA GLU A 400 -30.15 -29.54 30.26
C GLU A 400 -29.50 -30.84 29.79
N THR A 401 -29.75 -31.19 28.54
CA THR A 401 -29.17 -32.37 27.92
C THR A 401 -28.22 -31.98 26.81
N ILE A 402 -26.98 -32.45 26.92
CA ILE A 402 -25.97 -32.16 25.91
C ILE A 402 -25.71 -33.39 25.05
N GLU A 403 -25.87 -33.24 23.73
CA GLU A 403 -25.58 -34.34 22.83
C GLU A 403 -24.30 -34.09 22.04
N LEU A 404 -23.49 -35.13 21.90
CA LEU A 404 -22.37 -35.11 20.98
C LEU A 404 -22.74 -35.98 19.79
N ARG A 405 -22.88 -35.36 18.62
CA ARG A 405 -23.34 -36.07 17.44
C ARG A 405 -22.31 -35.98 16.31
N LEU A 406 -21.92 -37.13 15.79
CA LEU A 406 -20.98 -37.16 14.67
C LEU A 406 -21.73 -36.89 13.38
N VAL A 407 -21.48 -35.73 12.78
CA VAL A 407 -22.19 -35.35 11.56
C VAL A 407 -21.26 -35.11 10.39
N SER A 408 -21.81 -35.26 9.19
CA SER A 408 -21.09 -35.03 7.95
C SER A 408 -21.58 -33.72 7.32
N TRP A 409 -20.65 -32.92 6.78
CA TRP A 409 -21.03 -31.63 6.20
C TRP A 409 -20.39 -31.40 4.83
N GLU B 1 -20.10 10.52 -13.79
CA GLU B 1 -19.38 10.02 -14.93
C GLU B 1 -17.88 9.95 -14.63
N MET B 2 -17.14 9.18 -15.44
CA MET B 2 -15.73 8.94 -15.20
C MET B 2 -14.86 9.36 -16.38
N CYS B 3 -13.62 9.75 -16.09
CA CYS B 3 -12.69 10.20 -17.12
C CYS B 3 -11.96 9.05 -17.80
N GLU B 4 -12.29 8.80 -19.06
CA GLU B 4 -11.65 7.74 -19.83
C GLU B 4 -11.14 8.27 -21.16
N ILE B 5 -9.87 8.02 -21.43
CA ILE B 5 -9.29 8.35 -22.73
C ILE B 5 -8.99 7.05 -23.47
N PRO B 6 -9.92 6.65 -24.35
CA PRO B 6 -9.76 5.43 -25.17
C PRO B 6 -8.45 5.49 -25.96
N GLU B 7 -7.81 4.35 -26.15
CA GLU B 7 -6.46 4.29 -26.71
C GLU B 7 -6.36 4.90 -28.11
N MET B 8 -5.16 5.38 -28.43
CA MET B 8 -4.86 6.06 -29.68
C MET B 8 -4.10 5.15 -30.66
N ASP B 9 -3.60 5.71 -31.76
CA ASP B 9 -2.82 4.89 -32.70
C ASP B 9 -1.58 4.34 -32.00
N SER B 10 -1.36 3.03 -32.13
CA SER B 10 -0.21 2.38 -31.53
C SER B 10 1.11 2.96 -32.04
N HIS B 11 1.10 3.39 -33.30
CA HIS B 11 2.28 3.94 -33.94
C HIS B 11 2.54 5.36 -33.44
N LEU B 12 1.47 6.08 -33.16
CA LEU B 12 1.56 7.42 -32.59
C LEU B 12 2.24 7.39 -31.23
N VAL B 13 1.91 6.37 -30.43
CA VAL B 13 2.50 6.19 -29.11
C VAL B 13 3.98 5.82 -29.23
N GLU B 14 4.28 4.92 -30.17
CA GLU B 14 5.63 4.45 -30.40
C GLU B 14 6.55 5.60 -30.78
N LYS B 15 6.02 6.54 -31.57
CA LYS B 15 6.77 7.74 -31.96
C LYS B 15 7.15 8.60 -30.76
N LEU B 16 6.23 8.75 -29.81
CA LEU B 16 6.51 9.45 -28.57
C LEU B 16 7.65 8.78 -27.80
N GLY B 17 7.55 7.45 -27.70
CA GLY B 17 8.56 6.66 -27.01
C GLY B 17 9.93 6.77 -27.63
N GLN B 18 9.97 6.86 -28.96
CA GLN B 18 11.24 6.97 -29.67
C GLN B 18 11.97 8.28 -29.38
N HIS B 19 11.20 9.32 -29.05
CA HIS B 19 11.80 10.58 -28.61
C HIS B 19 12.52 10.43 -27.28
N LEU B 20 11.98 9.58 -26.41
CA LEU B 20 12.55 9.35 -25.09
C LEU B 20 13.81 8.48 -25.15
N LEU B 21 13.88 7.66 -26.19
CA LEU B 21 14.93 6.65 -26.30
C LEU B 21 16.38 7.18 -26.25
N PRO B 22 16.67 8.30 -26.94
CA PRO B 22 18.05 8.79 -26.85
C PRO B 22 18.47 9.14 -25.42
N TRP B 23 17.54 9.62 -24.61
CA TRP B 23 17.83 10.03 -23.24
C TRP B 23 18.23 8.85 -22.36
N MET B 24 17.81 7.66 -22.75
CA MET B 24 18.11 6.46 -21.99
C MET B 24 19.62 6.17 -22.01
N ASP B 25 20.33 6.81 -22.94
CA ASP B 25 21.77 6.63 -23.06
C ASP B 25 22.56 7.79 -22.46
N ARG B 26 21.86 8.87 -22.12
CA ARG B 26 22.52 10.03 -21.51
C ARG B 26 22.51 9.91 -19.99
N LEU B 27 23.59 9.33 -19.47
CA LEU B 27 23.69 8.97 -18.06
C LEU B 27 24.50 9.98 -17.24
N SER B 28 24.88 11.09 -17.86
CA SER B 28 25.49 12.20 -17.13
C SER B 28 24.50 12.80 -16.15
N LEU B 29 24.93 13.10 -14.93
CA LEU B 29 24.03 13.60 -13.89
C LEU B 29 23.26 14.87 -14.30
N GLU B 30 23.84 15.65 -15.20
CA GLU B 30 23.15 16.82 -15.75
C GLU B 30 21.94 16.40 -16.57
N HIS B 31 22.00 15.19 -17.12
CA HIS B 31 20.98 14.72 -18.03
C HIS B 31 19.99 13.73 -17.39
N LEU B 32 20.36 13.19 -16.23
CA LEU B 32 19.50 12.22 -15.54
C LEU B 32 18.13 12.79 -15.22
N ASN B 33 17.09 12.01 -15.50
CA ASN B 33 15.72 12.50 -15.39
C ASN B 33 14.78 11.43 -14.83
N PRO B 34 14.46 11.51 -13.53
CA PRO B 34 13.58 10.55 -12.86
C PRO B 34 12.19 10.51 -13.47
N SER B 35 11.74 11.63 -14.02
CA SER B 35 10.41 11.73 -14.61
C SER B 35 10.33 10.89 -15.88
N ILE B 36 11.45 10.82 -16.61
CA ILE B 36 11.53 9.99 -17.80
C ILE B 36 11.39 8.50 -17.46
N TYR B 37 12.07 8.08 -16.41
CA TYR B 37 12.00 6.69 -15.95
C TYR B 37 10.58 6.34 -15.52
N VAL B 38 9.95 7.21 -14.73
CA VAL B 38 8.59 6.99 -14.28
C VAL B 38 7.59 6.88 -15.43
N GLY B 39 7.69 7.80 -16.37
CA GLY B 39 6.76 7.84 -17.49
C GLY B 39 6.88 6.62 -18.37
N LEU B 40 8.11 6.13 -18.52
CA LEU B 40 8.37 4.96 -19.34
C LEU B 40 7.88 3.67 -18.67
N ARG B 41 8.05 3.56 -17.36
CA ARG B 41 7.61 2.39 -16.61
C ARG B 41 6.09 2.33 -16.56
N LEU B 42 5.44 3.49 -16.56
CA LEU B 42 3.99 3.58 -16.52
C LEU B 42 3.36 3.47 -17.91
N SER B 43 4.19 3.40 -18.93
CA SER B 43 3.69 3.35 -20.31
C SER B 43 3.52 1.93 -20.81
N SER B 44 3.05 1.81 -22.05
CA SER B 44 2.95 0.52 -22.73
C SER B 44 4.26 0.21 -23.45
N LEU B 45 5.23 1.10 -23.27
CA LEU B 45 6.52 1.01 -23.97
C LEU B 45 7.66 0.69 -23.03
N GLN B 46 8.77 0.21 -23.59
CA GLN B 46 9.89 -0.29 -22.79
C GLN B 46 11.23 -0.03 -23.48
N ALA B 47 12.28 0.13 -22.69
CA ALA B 47 13.63 0.34 -23.23
C ALA B 47 14.54 -0.84 -22.91
N GLY B 48 14.01 -1.85 -22.24
CA GLY B 48 14.76 -3.08 -21.97
C GLY B 48 15.80 -2.94 -20.87
N THR B 49 16.98 -3.50 -21.11
CA THR B 49 18.06 -3.50 -20.13
C THR B 49 18.57 -2.09 -19.86
N LYS B 50 18.32 -1.18 -20.78
CA LYS B 50 18.66 0.23 -20.59
C LYS B 50 17.96 0.80 -19.36
N GLU B 51 16.80 0.27 -19.03
CA GLU B 51 16.02 0.75 -17.89
C GLU B 51 16.71 0.51 -16.55
N ASP B 52 17.19 -0.71 -16.34
CA ASP B 52 17.85 -1.08 -15.10
C ASP B 52 19.09 -0.22 -14.88
N LEU B 53 19.85 -0.02 -15.96
CA LEU B 53 21.05 0.80 -15.92
C LEU B 53 20.72 2.26 -15.61
N TYR B 54 19.61 2.74 -16.16
CA TYR B 54 19.17 4.11 -15.91
C TYR B 54 18.83 4.29 -14.43
N LEU B 55 18.10 3.32 -13.88
CA LEU B 55 17.72 3.34 -12.47
C LEU B 55 18.95 3.30 -11.58
N HIS B 56 19.92 2.50 -11.97
CA HIS B 56 21.17 2.38 -11.24
C HIS B 56 21.90 3.72 -11.17
N SER B 57 21.89 4.44 -12.28
CA SER B 57 22.52 5.76 -12.35
C SER B 57 21.82 6.76 -11.43
N LEU B 58 20.49 6.70 -11.41
CA LEU B 58 19.69 7.54 -10.54
C LEU B 58 20.01 7.28 -9.07
N LYS B 59 20.08 6.01 -8.69
CA LYS B 59 20.42 5.62 -7.33
C LYS B 59 21.83 6.06 -6.99
N LEU B 60 22.74 5.93 -7.95
CA LEU B 60 24.13 6.36 -7.76
C LEU B 60 24.19 7.86 -7.54
N GLY B 61 23.71 8.62 -8.52
CA GLY B 61 23.74 10.07 -8.47
C GLY B 61 23.08 10.66 -7.24
N TYR B 62 21.80 10.34 -7.05
CA TYR B 62 21.00 10.95 -5.99
C TYR B 62 21.48 10.59 -4.58
N GLN B 63 21.85 9.34 -4.36
CA GLN B 63 22.27 8.93 -3.02
C GLN B 63 23.70 9.38 -2.70
N GLN B 64 24.55 9.51 -3.71
CA GLN B 64 25.92 9.97 -3.44
C GLN B 64 26.02 11.48 -3.24
N CYS B 65 25.30 12.24 -4.05
CA CYS B 65 25.35 13.69 -3.93
C CYS B 65 24.62 14.22 -2.70
N LEU B 66 23.43 13.69 -2.43
CA LEU B 66 22.60 14.18 -1.33
C LEU B 66 23.06 13.72 0.06
N LEU B 67 23.93 12.71 0.13
CA LEU B 67 24.38 12.19 1.41
C LEU B 67 25.88 12.31 1.63
N CYS B 78 30.23 15.89 -6.66
CA CYS B 78 29.07 16.14 -7.51
C CYS B 78 29.37 17.19 -8.57
N GLN B 79 28.45 17.35 -9.52
CA GLN B 79 28.39 18.53 -10.37
C GLN B 79 26.95 19.03 -10.36
N GLY B 80 26.65 19.98 -9.48
CA GLY B 80 25.30 20.46 -9.28
C GLY B 80 24.41 19.30 -8.88
N LYS B 81 24.43 19.00 -7.59
CA LYS B 81 23.60 17.94 -7.00
C LYS B 81 22.12 18.24 -7.17
N PRO B 82 21.28 17.18 -7.17
CA PRO B 82 19.84 17.35 -7.41
C PRO B 82 19.12 18.21 -6.39
N SER B 83 18.06 18.87 -6.85
CA SER B 83 17.16 19.61 -5.97
C SER B 83 16.28 18.66 -5.18
N MET B 84 15.57 19.21 -4.19
CA MET B 84 14.65 18.41 -3.39
C MET B 84 13.43 17.99 -4.19
N GLY B 85 13.01 18.85 -5.12
CA GLY B 85 11.90 18.54 -6.01
C GLY B 85 12.23 17.34 -6.88
N GLN B 86 13.47 17.27 -7.34
CA GLN B 86 13.93 16.17 -8.17
C GLN B 86 14.12 14.90 -7.34
N LEU B 87 14.47 15.07 -6.06
CA LEU B 87 14.53 13.95 -5.13
C LEU B 87 13.14 13.33 -5.00
N ALA B 88 12.11 14.17 -5.02
CA ALA B 88 10.74 13.71 -4.92
C ALA B 88 10.39 12.83 -6.11
N LEU B 89 10.79 13.25 -7.30
CA LEU B 89 10.53 12.47 -8.51
C LEU B 89 11.35 11.18 -8.51
N TYR B 90 12.53 11.24 -7.91
CA TYR B 90 13.37 10.06 -7.75
C TYR B 90 12.67 9.04 -6.87
N LEU B 91 11.94 9.51 -5.88
CA LEU B 91 11.14 8.64 -5.02
C LEU B 91 10.03 7.97 -5.83
N LEU B 92 9.41 8.73 -6.74
CA LEU B 92 8.44 8.17 -7.67
C LEU B 92 9.07 7.12 -8.56
N ALA B 93 10.33 7.32 -8.93
CA ALA B 93 11.05 6.37 -9.76
C ALA B 93 11.25 5.04 -9.04
N LEU B 94 11.42 5.10 -7.73
CA LEU B 94 11.55 3.88 -6.92
C LEU B 94 10.27 3.06 -6.94
N ARG B 95 9.12 3.72 -6.76
CA ARG B 95 7.82 3.06 -6.78
C ARG B 95 7.56 2.42 -8.13
N ALA B 96 8.04 3.09 -9.19
CA ALA B 96 7.86 2.59 -10.55
C ALA B 96 8.62 1.28 -10.74
N ASN B 97 9.52 0.97 -9.82
CA ASN B 97 10.25 -0.30 -9.84
C ASN B 97 9.83 -1.21 -8.68
N CYS B 98 8.67 -0.93 -8.10
CA CYS B 98 8.13 -1.72 -6.98
C CYS B 98 9.09 -1.76 -5.79
N GLU B 99 9.71 -0.62 -5.51
CA GLU B 99 10.58 -0.48 -4.34
C GLU B 99 10.01 0.54 -3.37
N PHE B 100 10.16 0.27 -2.08
CA PHE B 100 9.95 1.31 -1.08
C PHE B 100 11.32 1.87 -0.70
N VAL B 101 11.37 3.18 -0.51
CA VAL B 101 12.58 3.83 -0.02
C VAL B 101 12.92 3.24 1.34
N ARG B 102 14.17 2.81 1.52
CA ARG B 102 14.50 1.98 2.67
C ARG B 102 15.99 2.03 3.02
N GLY B 103 16.34 1.46 4.17
CA GLY B 103 17.71 1.46 4.64
C GLY B 103 18.10 2.82 5.19
N HIS B 104 19.33 2.94 5.65
CA HIS B 104 19.78 4.18 6.27
C HIS B 104 19.84 5.33 5.26
N LYS B 105 20.31 5.06 4.05
CA LYS B 105 20.36 6.10 3.01
C LYS B 105 18.96 6.53 2.63
N GLY B 106 18.07 5.56 2.47
CA GLY B 106 16.69 5.85 2.11
C GLY B 106 15.99 6.69 3.16
N ASP B 107 16.11 6.26 4.41
CA ASP B 107 15.45 6.93 5.53
C ASP B 107 15.89 8.39 5.65
N ARG B 108 17.16 8.62 5.32
CA ARG B 108 17.75 9.95 5.38
C ARG B 108 17.39 10.82 4.18
N LEU B 109 17.18 10.20 3.02
CA LEU B 109 16.66 10.93 1.87
C LEU B 109 15.24 11.39 2.19
N VAL B 110 14.48 10.52 2.85
CA VAL B 110 13.13 10.83 3.28
C VAL B 110 13.09 12.06 4.20
N SER B 111 13.97 12.06 5.21
CA SER B 111 14.01 13.15 6.16
C SER B 111 14.48 14.45 5.51
N GLN B 112 15.31 14.34 4.48
CA GLN B 112 15.73 15.52 3.72
C GLN B 112 14.52 16.15 3.02
N LEU B 113 13.71 15.30 2.40
CA LEU B 113 12.52 15.75 1.69
C LEU B 113 11.51 16.33 2.67
N LYS B 114 11.41 15.71 3.84
CA LYS B 114 10.54 16.21 4.89
C LYS B 114 10.99 17.58 5.39
N TRP B 115 12.29 17.81 5.41
CA TRP B 115 12.83 19.11 5.75
C TRP B 115 12.48 20.15 4.71
N PHE B 116 12.44 19.72 3.45
CA PHE B 116 12.07 20.60 2.35
C PHE B 116 10.65 21.15 2.57
N LEU B 117 9.72 20.26 2.87
CA LEU B 117 8.34 20.65 3.12
C LEU B 117 8.22 21.48 4.40
N GLU B 118 9.02 21.13 5.41
CA GLU B 118 9.01 21.86 6.67
C GLU B 118 9.49 23.30 6.47
N ASP B 119 10.55 23.45 5.69
CA ASP B 119 11.10 24.79 5.40
C ASP B 119 10.10 25.61 4.60
N GLU B 120 9.46 24.99 3.62
CA GLU B 120 8.48 25.69 2.80
C GLU B 120 7.26 26.08 3.62
N LYS B 121 6.86 25.21 4.54
CA LYS B 121 5.78 25.51 5.46
C LYS B 121 6.14 26.73 6.31
N ARG B 122 7.38 26.77 6.79
CA ARG B 122 7.86 27.90 7.58
C ARG B 122 7.90 29.19 6.76
N ALA B 123 8.23 29.07 5.48
CA ALA B 123 8.32 30.23 4.61
C ALA B 123 6.95 30.85 4.35
N ILE B 124 5.93 30.00 4.23
CA ILE B 124 4.57 30.47 4.00
C ILE B 124 3.98 31.14 5.24
N GLY B 125 4.23 30.56 6.41
CA GLY B 125 3.84 31.16 7.67
C GLY B 125 2.46 30.74 8.15
N HIS B 126 2.22 30.88 9.46
CA HIS B 126 0.89 30.64 10.02
C HIS B 126 -0.11 31.60 9.39
N ASP B 127 0.46 32.61 8.72
CA ASP B 127 -0.23 33.74 8.09
C ASP B 127 -0.74 33.47 6.66
N HIS B 128 0.08 32.78 5.88
CA HIS B 128 -0.11 32.49 4.45
C HIS B 128 0.26 33.66 3.54
N LYS B 129 1.08 34.59 4.05
CA LYS B 129 1.57 35.68 3.20
C LYS B 129 2.77 35.24 2.38
N GLY B 130 3.71 34.56 3.03
CA GLY B 130 4.93 34.14 2.37
C GLY B 130 4.66 33.17 1.23
N HIS B 131 5.50 33.22 0.21
CA HIS B 131 5.47 32.24 -0.86
C HIS B 131 6.42 31.12 -0.54
N PRO B 132 6.20 29.93 -1.11
CA PRO B 132 7.27 28.93 -1.01
C PRO B 132 8.51 29.41 -1.76
N HIS B 133 9.69 28.96 -1.33
CA HIS B 133 10.93 29.30 -2.00
C HIS B 133 10.97 28.72 -3.42
N THR B 134 10.19 27.67 -3.64
CA THR B 134 10.11 27.06 -4.97
C THR B 134 8.75 27.32 -5.60
N SER B 135 7.79 26.43 -5.33
CA SER B 135 6.45 26.54 -5.88
C SER B 135 5.50 25.59 -5.18
N TYR B 136 4.20 25.89 -5.23
CA TYR B 136 3.21 24.99 -4.67
C TYR B 136 3.15 23.67 -5.44
N TYR B 137 3.59 23.71 -6.69
CA TYR B 137 3.71 22.50 -7.50
C TYR B 137 4.65 21.51 -6.82
N GLN B 138 5.83 21.98 -6.45
CA GLN B 138 6.82 21.13 -5.80
C GLN B 138 6.40 20.75 -4.39
N TYR B 139 5.62 21.61 -3.75
CA TYR B 139 5.08 21.34 -2.42
C TYR B 139 4.15 20.12 -2.48
N GLY B 140 3.22 20.15 -3.43
CA GLY B 140 2.32 19.05 -3.66
C GLY B 140 3.04 17.78 -4.11
N LEU B 141 4.02 17.96 -5.00
CA LEU B 141 4.80 16.84 -5.51
C LEU B 141 5.57 16.13 -4.39
N GLY B 142 6.06 16.90 -3.43
CA GLY B 142 6.82 16.34 -2.32
C GLY B 142 5.94 15.57 -1.35
N ILE B 143 4.72 16.07 -1.12
CA ILE B 143 3.75 15.36 -0.30
C ILE B 143 3.35 14.06 -0.97
N LEU B 144 3.08 14.13 -2.28
CA LEU B 144 2.76 12.95 -3.07
C LEU B 144 3.86 11.90 -2.98
N ALA B 145 5.10 12.33 -3.15
CA ALA B 145 6.25 11.43 -3.13
C ALA B 145 6.39 10.70 -1.81
N LEU B 146 6.24 11.43 -0.71
CA LEU B 146 6.32 10.83 0.62
C LEU B 146 5.16 9.87 0.86
N CYS B 147 4.00 10.23 0.33
CA CYS B 147 2.79 9.41 0.50
C CYS B 147 2.88 8.08 -0.23
N LEU B 148 3.43 8.10 -1.45
CA LEU B 148 3.58 6.88 -2.25
C LEU B 148 4.47 5.85 -1.56
N HIS B 149 5.32 6.31 -0.65
CA HIS B 149 6.17 5.42 0.14
C HIS B 149 5.62 5.24 1.55
N GLN B 150 4.35 5.59 1.71
CA GLN B 150 3.64 5.50 3.00
C GLN B 150 4.36 6.23 4.14
N LYS B 151 4.99 7.35 3.81
CA LYS B 151 5.58 8.23 4.81
C LYS B 151 4.61 9.38 5.12
N ARG B 152 4.31 9.57 6.39
CA ARG B 152 3.32 10.56 6.80
C ARG B 152 3.91 11.95 7.02
N VAL B 153 3.17 12.97 6.59
CA VAL B 153 3.50 14.35 6.92
C VAL B 153 2.44 14.92 7.86
N HIS B 154 2.83 15.91 8.65
CA HIS B 154 1.96 16.48 9.67
C HIS B 154 0.79 17.26 9.05
N ASP B 155 -0.31 17.37 9.79
CA ASP B 155 -1.48 18.10 9.32
C ASP B 155 -1.16 19.53 8.92
N SER B 156 -0.23 20.15 9.64
CA SER B 156 0.16 21.54 9.38
C SER B 156 0.83 21.69 8.02
N VAL B 157 1.50 20.64 7.56
CA VAL B 157 2.10 20.65 6.24
C VAL B 157 1.01 20.59 5.18
N VAL B 158 0.07 19.66 5.37
CA VAL B 158 -1.07 19.50 4.46
C VAL B 158 -1.95 20.76 4.42
N ASP B 159 -2.14 21.39 5.58
CA ASP B 159 -2.95 22.61 5.68
C ASP B 159 -2.51 23.70 4.70
N LYS B 160 -1.21 23.83 4.49
CA LYS B 160 -0.70 24.83 3.55
C LYS B 160 -1.17 24.55 2.13
N LEU B 161 -1.17 23.28 1.74
CA LEU B 161 -1.62 22.89 0.41
C LEU B 161 -3.14 23.04 0.29
N LEU B 162 -3.84 22.64 1.35
CA LEU B 162 -5.29 22.80 1.40
C LEU B 162 -5.69 24.25 1.21
N TYR B 163 -5.04 25.15 1.95
CA TYR B 163 -5.36 26.57 1.89
C TYR B 163 -5.08 27.18 0.51
N ALA B 164 -4.10 26.61 -0.19
CA ALA B 164 -3.71 27.11 -1.50
C ALA B 164 -4.75 26.90 -2.60
N VAL B 165 -5.65 25.93 -2.41
CA VAL B 165 -6.68 25.65 -3.41
C VAL B 165 -8.07 25.95 -2.85
N GLU B 166 -8.12 26.17 -1.54
CA GLU B 166 -9.35 26.42 -0.81
C GLU B 166 -9.91 27.84 -1.10
N PRO B 167 -11.01 28.28 -0.44
CA PRO B 167 -11.88 29.23 -1.14
C PRO B 167 -11.27 30.58 -1.46
N PHE B 168 -10.86 31.31 -0.44
CA PHE B 168 -10.30 32.66 -0.60
C PHE B 168 -8.80 32.72 -0.43
N HIS B 169 -8.13 32.06 -1.36
CA HIS B 169 -6.68 32.14 -1.45
C HIS B 169 -6.39 33.21 -2.49
N GLN B 170 -5.24 33.85 -2.36
CA GLN B 170 -4.78 34.79 -3.38
C GLN B 170 -3.90 33.98 -4.28
N GLY B 171 -3.34 34.64 -5.28
CA GLY B 171 -2.63 33.95 -6.32
C GLY B 171 -3.69 33.21 -7.08
N HIS B 172 -3.29 32.64 -8.20
CA HIS B 172 -4.15 31.74 -8.92
C HIS B 172 -3.17 30.72 -9.44
N HIS B 173 -3.56 29.46 -9.51
CA HIS B 173 -2.56 28.47 -9.86
C HIS B 173 -2.86 27.89 -11.22
N SER B 174 -1.80 27.48 -11.90
CA SER B 174 -1.94 26.84 -13.19
C SER B 174 -2.73 25.55 -13.02
N VAL B 175 -3.24 25.03 -14.13
CA VAL B 175 -3.91 23.73 -14.11
C VAL B 175 -2.92 22.69 -13.57
N ASP B 176 -1.67 22.80 -14.01
CA ASP B 176 -0.60 21.92 -13.58
C ASP B 176 -0.50 21.86 -12.05
N THR B 177 -0.42 23.03 -11.44
CA THR B 177 -0.27 23.16 -10.00
C THR B 177 -1.48 22.57 -9.27
N ALA B 178 -2.67 22.84 -9.79
CA ALA B 178 -3.89 22.31 -9.21
C ALA B 178 -3.94 20.79 -9.37
N ALA B 179 -3.52 20.31 -10.53
CA ALA B 179 -3.51 18.88 -10.81
C ALA B 179 -2.56 18.15 -9.85
N MET B 180 -1.35 18.68 -9.70
CA MET B 180 -0.38 18.07 -8.78
C MET B 180 -0.89 18.08 -7.35
N ALA B 181 -1.58 19.15 -6.96
CA ALA B 181 -2.17 19.23 -5.64
C ALA B 181 -3.22 18.14 -5.50
N GLY B 182 -4.04 18.00 -6.54
CA GLY B 182 -5.10 17.00 -6.55
C GLY B 182 -4.56 15.59 -6.43
N LEU B 183 -3.44 15.32 -7.08
CA LEU B 183 -2.80 14.01 -7.00
C LEU B 183 -2.30 13.72 -5.59
N ALA B 184 -1.69 14.71 -4.94
CA ALA B 184 -1.26 14.59 -3.56
C ALA B 184 -2.43 14.29 -2.63
N PHE B 185 -3.49 15.08 -2.75
CA PHE B 185 -4.68 14.89 -1.93
C PHE B 185 -5.29 13.50 -2.15
N THR B 186 -5.28 13.06 -3.40
CA THR B 186 -5.85 11.77 -3.77
C THR B 186 -5.10 10.61 -3.10
N CYS B 187 -3.78 10.69 -3.08
CA CYS B 187 -2.96 9.66 -2.45
C CYS B 187 -3.18 9.64 -0.93
N LEU B 188 -3.25 10.82 -0.33
CA LEU B 188 -3.52 10.94 1.09
C LEU B 188 -4.85 10.29 1.46
N LYS B 189 -5.86 10.52 0.63
CA LYS B 189 -7.20 10.02 0.89
C LYS B 189 -7.27 8.50 0.80
N ARG B 190 -6.62 7.93 -0.23
CA ARG B 190 -6.63 6.49 -0.43
C ARG B 190 -5.86 5.75 0.66
N SER B 191 -4.87 6.44 1.24
CA SER B 191 -4.01 5.84 2.25
C SER B 191 -4.56 6.05 3.66
N ASN B 192 -5.70 6.73 3.75
CA ASN B 192 -6.26 7.19 5.02
C ASN B 192 -5.26 7.98 5.84
N PHE B 193 -4.47 8.79 5.15
CA PHE B 193 -3.45 9.58 5.81
C PHE B 193 -4.13 10.85 6.28
N ASN B 194 -3.55 11.49 7.28
CA ASN B 194 -4.07 12.74 7.84
C ASN B 194 -5.58 12.71 8.12
N PRO B 195 -6.06 11.77 8.95
CA PRO B 195 -7.50 11.61 9.20
C PRO B 195 -8.18 12.87 9.74
N GLY B 196 -7.41 13.73 10.41
CA GLY B 196 -7.94 14.96 10.97
C GLY B 196 -8.26 16.04 9.94
N ARG B 197 -7.88 15.80 8.69
CA ARG B 197 -8.16 16.74 7.61
C ARG B 197 -8.94 16.05 6.51
N ARG B 198 -9.49 14.88 6.81
CA ARG B 198 -10.11 14.05 5.79
C ARG B 198 -11.21 14.76 4.99
N GLN B 199 -12.21 15.35 5.65
CA GLN B 199 -13.23 16.01 4.82
C GLN B 199 -12.76 17.28 4.13
N ARG B 200 -11.77 17.97 4.70
CA ARG B 200 -11.22 19.11 3.98
C ARG B 200 -10.45 18.62 2.76
N ILE B 201 -9.73 17.51 2.92
CA ILE B 201 -9.04 16.87 1.81
C ILE B 201 -10.02 16.44 0.73
N THR B 202 -11.14 15.85 1.15
CA THR B 202 -12.20 15.44 0.23
C THR B 202 -12.78 16.63 -0.56
N MET B 203 -13.02 17.74 0.13
CA MET B 203 -13.55 18.93 -0.54
C MET B 203 -12.52 19.58 -1.46
N ALA B 204 -11.24 19.46 -1.11
CA ALA B 204 -10.18 20.03 -1.94
C ALA B 204 -10.13 19.31 -3.28
N ILE B 205 -10.28 17.99 -3.24
CA ILE B 205 -10.31 17.17 -4.45
C ILE B 205 -11.46 17.60 -5.37
N ARG B 206 -12.62 17.82 -4.78
CA ARG B 206 -13.77 18.35 -5.52
C ARG B 206 -13.46 19.72 -6.10
N THR B 207 -12.84 20.57 -5.29
CA THR B 207 -12.49 21.92 -5.72
C THR B 207 -11.53 21.88 -6.92
N VAL B 208 -10.48 21.09 -6.82
CA VAL B 208 -9.51 20.98 -7.92
C VAL B 208 -10.13 20.47 -9.22
N GLN B 209 -11.00 19.47 -9.14
CA GLN B 209 -11.61 18.94 -10.37
C GLN B 209 -12.56 19.99 -10.98
N GLU B 210 -13.22 20.78 -10.14
CA GLU B 210 -14.10 21.83 -10.66
C GLU B 210 -13.30 22.95 -11.33
N GLU B 211 -12.16 23.29 -10.74
CA GLU B 211 -11.30 24.34 -11.29
C GLU B 211 -10.65 23.91 -12.60
N ILE B 212 -10.27 22.64 -12.68
CA ILE B 212 -9.65 22.11 -13.89
C ILE B 212 -10.65 22.09 -15.04
N LEU B 213 -11.89 21.68 -14.76
CA LEU B 213 -12.94 21.68 -15.77
C LEU B 213 -13.29 23.08 -16.27
N LYS B 214 -13.25 24.07 -15.38
CA LYS B 214 -13.56 25.45 -15.77
C LYS B 214 -12.46 26.01 -16.66
N ALA B 215 -11.28 25.41 -16.55
CA ALA B 215 -10.12 25.83 -17.34
C ALA B 215 -10.07 25.15 -18.71
N GLN B 216 -11.08 24.37 -19.04
CA GLN B 216 -11.06 23.70 -20.34
C GLN B 216 -11.38 24.69 -21.44
N THR B 217 -10.44 24.84 -22.37
CA THR B 217 -10.58 25.77 -23.48
C THR B 217 -11.59 25.23 -24.49
N PRO B 218 -12.14 26.11 -25.34
CA PRO B 218 -13.09 25.67 -26.38
C PRO B 218 -12.49 24.65 -27.34
N GLU B 219 -11.17 24.63 -27.50
CA GLU B 219 -10.52 23.65 -28.36
C GLU B 219 -10.41 22.29 -27.67
N GLY B 220 -10.51 22.28 -26.34
CA GLY B 220 -10.57 21.03 -25.61
C GLY B 220 -9.52 20.79 -24.53
N HIS B 221 -8.44 21.57 -24.57
CA HIS B 221 -7.36 21.40 -23.60
C HIS B 221 -7.72 21.93 -22.22
N PHE B 222 -7.04 21.41 -21.19
CA PHE B 222 -7.21 21.91 -19.84
C PHE B 222 -6.13 22.94 -19.52
N GLY B 223 -6.47 24.21 -19.74
CA GLY B 223 -5.48 25.28 -19.62
C GLY B 223 -4.78 25.45 -20.95
N ASN B 224 -3.74 24.64 -21.17
CA ASN B 224 -3.10 24.54 -22.48
C ASN B 224 -2.73 23.10 -22.80
N VAL B 225 -2.20 22.86 -23.99
CA VAL B 225 -1.86 21.52 -24.45
C VAL B 225 -0.94 20.77 -23.47
N TYR B 226 -0.04 21.50 -22.81
CA TYR B 226 0.96 20.88 -21.96
C TYR B 226 0.52 20.74 -20.51
N SER B 227 -0.68 21.24 -20.19
CA SER B 227 -1.24 21.06 -18.86
C SER B 227 -2.21 19.89 -18.88
N THR B 228 -2.76 19.61 -20.06
CA THR B 228 -3.72 18.52 -20.25
C THR B 228 -3.24 17.15 -19.75
N PRO B 229 -1.96 16.77 -20.01
CA PRO B 229 -1.56 15.44 -19.51
C PRO B 229 -1.73 15.30 -18.01
N LEU B 230 -1.16 16.23 -17.25
CA LEU B 230 -1.23 16.16 -15.80
C LEU B 230 -2.67 16.34 -15.29
N ALA B 231 -3.44 17.18 -15.97
CA ALA B 231 -4.84 17.36 -15.65
C ALA B 231 -5.61 16.06 -15.81
N LEU B 232 -5.31 15.33 -16.89
CA LEU B 232 -5.96 14.06 -17.15
C LEU B 232 -5.58 13.00 -16.11
N GLN B 233 -4.31 12.99 -15.73
CA GLN B 233 -3.84 12.11 -14.67
C GLN B 233 -4.68 12.28 -13.40
N PHE B 234 -4.87 13.52 -12.97
CA PHE B 234 -5.68 13.77 -11.78
C PHE B 234 -7.14 13.39 -11.98
N LEU B 235 -7.70 13.80 -13.11
CA LEU B 235 -9.12 13.58 -13.38
C LEU B 235 -9.47 12.09 -13.45
N MET B 236 -8.50 11.28 -13.86
CA MET B 236 -8.72 9.84 -14.01
C MET B 236 -8.84 9.10 -12.67
N THR B 237 -8.39 9.71 -11.59
CA THR B 237 -8.27 9.00 -10.31
C THR B 237 -9.57 8.93 -9.51
N SER B 238 -10.52 9.80 -9.81
CA SER B 238 -11.77 9.83 -9.07
C SER B 238 -12.95 10.17 -9.97
N PRO B 239 -14.15 9.66 -9.63
CA PRO B 239 -15.34 10.00 -10.38
C PRO B 239 -15.85 11.37 -9.99
N MET B 240 -16.72 11.94 -10.81
CA MET B 240 -17.25 13.26 -10.55
C MET B 240 -18.74 13.34 -10.76
N ARG B 241 -19.55 13.10 -9.74
CA ARG B 241 -20.95 13.35 -10.02
C ARG B 241 -21.48 14.50 -9.18
N GLY B 242 -22.48 15.21 -9.71
CA GLY B 242 -23.14 14.85 -10.97
C GLY B 242 -22.77 15.61 -12.23
N ALA B 243 -21.48 15.78 -12.50
CA ALA B 243 -21.03 16.56 -13.65
C ALA B 243 -20.65 15.64 -14.80
N GLU B 244 -20.41 16.15 -16.00
CA GLU B 244 -19.99 15.16 -16.99
C GLU B 244 -18.55 15.36 -17.42
N LEU B 245 -17.79 14.51 -16.77
CA LEU B 245 -16.36 14.36 -16.87
C LEU B 245 -16.07 13.59 -18.15
N GLY B 246 -16.90 12.60 -18.45
CA GLY B 246 -16.72 11.77 -19.63
C GLY B 246 -16.55 12.56 -20.93
N THR B 247 -17.53 13.39 -21.26
CA THR B 247 -17.49 14.20 -22.47
C THR B 247 -16.35 15.23 -22.41
N ALA B 248 -16.11 15.77 -21.22
CA ALA B 248 -15.04 16.75 -21.02
C ALA B 248 -13.69 16.13 -21.34
N CYS B 249 -13.47 14.91 -20.85
CA CYS B 249 -12.22 14.21 -21.09
C CYS B 249 -12.13 13.78 -22.55
N LEU B 250 -13.27 13.51 -23.16
CA LEU B 250 -13.31 13.14 -24.57
C LEU B 250 -12.96 14.34 -25.46
N LYS B 251 -13.37 15.53 -25.04
CA LYS B 251 -13.01 16.74 -25.77
C LYS B 251 -11.53 17.01 -25.62
N ALA B 252 -10.96 16.55 -24.51
CA ALA B 252 -9.53 16.66 -24.27
C ALA B 252 -8.77 15.70 -25.17
N ARG B 253 -9.34 14.53 -25.40
CA ARG B 253 -8.71 13.54 -26.26
C ARG B 253 -8.61 14.08 -27.68
N VAL B 254 -9.70 14.64 -28.18
CA VAL B 254 -9.73 15.23 -29.51
C VAL B 254 -8.68 16.33 -29.65
N ALA B 255 -8.59 17.20 -28.65
CA ALA B 255 -7.60 18.27 -28.65
C ALA B 255 -6.18 17.70 -28.58
N LEU B 256 -6.01 16.72 -27.70
CA LEU B 256 -4.71 16.08 -27.49
C LEU B 256 -4.22 15.39 -28.75
N LEU B 257 -5.11 14.62 -29.38
CA LEU B 257 -4.79 13.87 -30.59
C LEU B 257 -4.31 14.80 -31.69
N ALA B 258 -5.03 15.91 -31.88
CA ALA B 258 -4.68 16.88 -32.90
C ALA B 258 -3.32 17.50 -32.62
N SER B 259 -3.05 17.76 -31.34
CA SER B 259 -1.76 18.33 -30.93
C SER B 259 -0.61 17.36 -31.18
N LEU B 260 -0.88 16.07 -30.98
CA LEU B 260 0.12 15.04 -31.24
C LEU B 260 0.46 15.02 -32.72
N GLN B 261 -0.57 15.00 -33.55
CA GLN B 261 -0.40 14.97 -35.01
C GLN B 261 0.24 16.27 -35.54
N ASP B 262 0.31 17.29 -34.71
CA ASP B 262 0.95 18.55 -35.08
C ASP B 262 2.35 18.65 -34.50
N GLY B 263 2.80 17.58 -33.83
CA GLY B 263 4.13 17.54 -33.27
C GLY B 263 4.31 18.43 -32.04
N ALA B 264 3.24 18.65 -31.31
CA ALA B 264 3.28 19.50 -30.11
C ALA B 264 4.17 18.93 -29.02
N PHE B 265 4.33 17.62 -29.01
CA PHE B 265 5.08 16.96 -27.93
C PHE B 265 6.47 16.53 -28.37
N GLN B 266 7.44 17.39 -28.08
CA GLN B 266 8.83 17.18 -28.48
C GLN B 266 9.70 17.05 -27.25
N ASN B 267 9.28 17.72 -26.19
CA ASN B 267 9.99 17.76 -24.93
C ASN B 267 9.87 16.44 -24.17
N ALA B 268 10.99 15.96 -23.64
CA ALA B 268 11.04 14.64 -23.02
C ALA B 268 10.20 14.56 -21.75
N LEU B 269 10.24 15.61 -20.93
CA LEU B 269 9.50 15.60 -19.68
C LEU B 269 8.00 15.67 -19.93
N MET B 270 7.61 16.42 -20.95
CA MET B 270 6.20 16.50 -21.33
C MET B 270 5.69 15.14 -21.79
N ILE B 271 6.51 14.44 -22.56
CA ILE B 271 6.19 13.09 -23.02
C ILE B 271 6.05 12.14 -21.83
N SER B 272 6.92 12.30 -20.84
CA SER B 272 6.91 11.44 -19.66
C SER B 272 5.69 11.69 -18.78
N GLN B 273 5.01 12.82 -18.98
CA GLN B 273 3.78 13.10 -18.26
C GLN B 273 2.56 12.64 -19.03
N LEU B 274 2.73 12.48 -20.34
CA LEU B 274 1.62 12.10 -21.22
C LEU B 274 1.49 10.58 -21.39
N LEU B 275 2.63 9.90 -21.46
CA LEU B 275 2.63 8.45 -21.70
C LEU B 275 1.82 7.63 -20.70
N PRO B 276 1.92 7.94 -19.38
CA PRO B 276 1.05 7.19 -18.46
C PRO B 276 -0.43 7.32 -18.82
N VAL B 277 -0.87 8.53 -19.17
CA VAL B 277 -2.25 8.76 -19.56
C VAL B 277 -2.67 7.90 -20.75
N LEU B 278 -1.78 7.79 -21.72
CA LEU B 278 -2.04 7.02 -22.94
C LEU B 278 -2.08 5.53 -22.66
N ASN B 279 -1.65 5.13 -21.46
CA ASN B 279 -1.69 3.74 -21.05
C ASN B 279 -2.74 3.53 -19.95
N HIS B 280 -3.58 4.54 -19.76
CA HIS B 280 -4.63 4.53 -18.75
C HIS B 280 -4.06 4.43 -17.33
N LYS B 281 -2.89 5.01 -17.12
CA LYS B 281 -2.26 4.99 -15.80
C LYS B 281 -1.86 6.39 -15.35
N THR B 282 -1.69 6.56 -14.05
CA THR B 282 -1.29 7.84 -13.46
C THR B 282 -0.27 7.60 -12.35
N TYR B 283 0.23 8.69 -11.76
CA TYR B 283 1.17 8.58 -10.66
C TYR B 283 0.55 7.90 -9.44
N ILE B 284 -0.78 7.93 -9.35
CA ILE B 284 -1.49 7.28 -8.25
C ILE B 284 -1.37 5.75 -8.35
N ASP B 285 -1.08 5.25 -9.54
CA ASP B 285 -0.86 3.82 -9.71
C ASP B 285 0.47 3.35 -9.10
N LEU B 286 1.24 4.29 -8.53
CA LEU B 286 2.50 3.94 -7.88
C LEU B 286 2.29 3.50 -6.43
N ILE B 287 1.05 3.64 -5.94
CA ILE B 287 0.70 3.07 -4.65
C ILE B 287 0.76 1.55 -4.76
N PHE B 288 0.10 1.02 -5.79
CA PHE B 288 0.14 -0.41 -6.08
C PHE B 288 0.66 -0.63 -7.50
N PRO B 289 1.99 -0.53 -7.67
CA PRO B 289 2.53 -0.65 -9.03
C PRO B 289 2.48 -2.08 -9.57
N ASP B 290 2.33 -2.17 -10.89
CA ASP B 290 2.31 -3.43 -11.61
C ASP B 290 3.54 -3.46 -12.50
N CYS B 291 4.67 -3.88 -11.94
CA CYS B 291 5.96 -3.77 -12.60
C CYS B 291 6.19 -4.77 -13.72
N LEU B 292 5.40 -5.85 -13.74
CA LEU B 292 5.68 -6.95 -14.66
C LEU B 292 4.71 -7.03 -15.85
N ALA B 293 3.82 -6.04 -15.96
CA ALA B 293 2.92 -5.97 -17.10
C ALA B 293 3.70 -5.79 -18.39
N PRO B 294 3.35 -6.57 -19.44
CA PRO B 294 4.10 -6.58 -20.69
C PRO B 294 4.11 -5.22 -21.39
N ARG B 295 5.27 -4.82 -21.89
CA ARG B 295 5.43 -3.55 -22.57
C ARG B 295 6.17 -3.74 -23.89
N VAL B 296 5.71 -3.07 -24.94
CA VAL B 296 6.34 -3.21 -26.25
C VAL B 296 7.72 -2.55 -26.24
N MET B 297 8.71 -3.30 -26.74
CA MET B 297 10.09 -2.84 -26.78
C MET B 297 10.30 -1.75 -27.82
N LEU B 298 11.03 -0.70 -27.44
CA LEU B 298 11.36 0.38 -28.36
C LEU B 298 12.69 0.18 -29.08
N GLU B 299 12.69 0.40 -30.39
CA GLU B 299 13.90 0.42 -31.19
C GLU B 299 14.05 1.81 -31.79
N PRO B 300 15.29 2.24 -32.07
CA PRO B 300 15.53 3.60 -32.59
C PRO B 300 14.80 3.92 -33.89
N ALA B 301 14.25 5.13 -33.95
CA ALA B 301 13.60 5.68 -35.13
C ALA B 301 14.58 5.79 -36.29
N ALA B 302 14.12 5.44 -37.49
CA ALA B 302 15.01 5.43 -38.65
C ALA B 302 15.34 6.84 -39.10
N GLU B 303 16.37 6.96 -39.94
CA GLU B 303 16.93 8.27 -40.28
C GLU B 303 16.09 9.16 -41.19
N THR B 304 15.86 10.38 -40.72
CA THR B 304 15.39 11.46 -41.55
C THR B 304 16.44 11.79 -42.60
N ILE B 305 16.12 11.59 -43.87
CA ILE B 305 17.05 11.93 -44.94
C ILE B 305 17.21 13.44 -44.84
N PRO B 306 18.44 13.93 -44.97
CA PRO B 306 18.57 15.36 -44.67
C PRO B 306 17.97 16.26 -45.74
N GLN B 307 17.38 17.34 -45.26
CA GLN B 307 16.78 18.38 -46.08
C GLN B 307 17.60 19.65 -45.97
N THR B 308 17.88 20.29 -47.10
CA THR B 308 18.58 21.56 -47.07
C THR B 308 17.64 22.57 -46.41
N GLN B 309 18.17 23.68 -45.93
CA GLN B 309 17.34 24.64 -45.23
C GLN B 309 17.33 26.03 -45.83
N GLU B 310 16.38 26.81 -45.34
CA GLU B 310 16.12 28.17 -45.79
C GLU B 310 16.62 29.12 -44.72
N ILE B 311 17.02 30.33 -45.09
CA ILE B 311 17.45 31.29 -44.08
C ILE B 311 16.26 32.14 -43.68
N ILE B 312 16.03 32.22 -42.37
CA ILE B 312 14.99 33.07 -41.83
C ILE B 312 15.57 34.14 -40.93
N SER B 313 14.84 35.23 -40.75
CA SER B 313 15.25 36.28 -39.84
C SER B 313 14.26 36.39 -38.70
N VAL B 314 14.79 36.45 -37.48
CA VAL B 314 13.97 36.56 -36.29
C VAL B 314 14.41 37.78 -35.52
N THR B 315 13.46 38.63 -35.14
CA THR B 315 13.79 39.79 -34.32
C THR B 315 13.82 39.41 -32.85
N LEU B 316 14.97 39.63 -32.21
CA LEU B 316 15.12 39.40 -30.78
C LEU B 316 15.09 40.74 -30.05
N GLN B 317 14.26 40.85 -29.02
CA GLN B 317 14.23 42.10 -28.28
C GLN B 317 14.05 41.96 -26.77
N VAL B 318 14.73 42.83 -26.04
CA VAL B 318 14.62 42.92 -24.59
C VAL B 318 14.35 44.37 -24.19
N LEU B 319 13.18 44.61 -23.60
CA LEU B 319 12.80 45.96 -23.20
C LEU B 319 12.82 46.14 -21.69
N SER B 320 13.24 45.09 -20.97
CA SER B 320 13.27 45.16 -19.51
C SER B 320 14.51 45.88 -19.00
N LEU B 321 15.41 46.24 -19.92
CA LEU B 321 16.68 46.84 -19.54
C LEU B 321 16.95 48.13 -20.30
N LEU B 322 17.62 49.07 -19.63
CA LEU B 322 18.07 50.29 -20.30
C LEU B 322 19.58 50.27 -20.48
N PRO B 323 20.06 50.53 -21.71
CA PRO B 323 19.26 50.73 -22.92
C PRO B 323 18.71 49.41 -23.45
N PRO B 324 17.59 49.45 -24.18
CA PRO B 324 16.94 48.21 -24.65
C PRO B 324 17.73 47.52 -25.76
N TYR B 325 17.39 46.26 -26.01
CA TYR B 325 18.03 45.48 -27.06
C TYR B 325 17.00 45.12 -28.12
N ARG B 326 17.35 45.34 -29.38
CA ARG B 326 16.52 44.92 -30.50
C ARG B 326 17.38 44.66 -31.74
N GLN B 327 17.48 43.39 -32.12
CA GLN B 327 18.29 43.00 -33.26
C GLN B 327 17.57 42.00 -34.14
N SER B 328 17.81 42.13 -35.44
CA SER B 328 17.32 41.15 -36.41
C SER B 328 18.37 40.10 -36.56
N ILE B 329 17.98 38.89 -36.24
CA ILE B 329 18.94 37.86 -36.25
C ILE B 329 18.65 36.90 -37.48
N SER B 330 19.64 36.67 -38.37
CA SER B 330 19.51 35.67 -39.47
C SER B 330 20.02 34.25 -39.08
N VAL B 331 19.13 33.25 -39.11
CA VAL B 331 19.48 31.85 -38.73
C VAL B 331 18.78 30.88 -39.65
N LEU B 332 19.28 29.64 -39.69
CA LEU B 332 18.66 28.59 -40.48
C LEU B 332 17.24 28.27 -40.01
N ALA B 333 16.34 28.01 -40.96
CA ALA B 333 14.98 27.60 -40.63
C ALA B 333 15.01 26.28 -39.87
N GLY B 334 14.28 26.22 -38.76
CA GLY B 334 14.26 25.04 -37.92
C GLY B 334 15.09 25.24 -36.67
N SER B 335 15.79 26.37 -36.61
CA SER B 335 16.58 26.71 -35.43
C SER B 335 15.67 26.97 -34.24
N THR B 336 16.22 26.80 -33.03
CA THR B 336 15.49 27.10 -31.81
C THR B 336 15.74 28.53 -31.38
N VAL B 337 14.98 28.98 -30.38
CA VAL B 337 15.22 30.28 -29.75
C VAL B 337 16.62 30.32 -29.17
N GLU B 338 17.06 29.19 -28.60
CA GLU B 338 18.39 29.09 -28.02
C GLU B 338 19.48 29.30 -29.07
N ASP B 339 19.20 28.86 -30.29
CA ASP B 339 20.11 29.08 -31.41
C ASP B 339 20.18 30.56 -31.78
N VAL B 340 19.02 31.21 -31.75
CA VAL B 340 18.93 32.65 -32.00
C VAL B 340 19.74 33.43 -30.96
N LEU B 341 19.55 33.07 -29.69
CA LEU B 341 20.33 33.61 -28.59
C LEU B 341 21.83 33.41 -28.83
N LYS B 342 22.20 32.19 -29.20
CA LYS B 342 23.58 31.84 -29.49
C LYS B 342 24.18 32.71 -30.58
N LYS B 343 23.43 32.93 -31.64
CA LYS B 343 23.91 33.71 -32.76
C LYS B 343 23.93 35.20 -32.40
N ALA B 344 22.97 35.61 -31.58
CA ALA B 344 22.93 36.98 -31.06
C ALA B 344 24.19 37.27 -30.24
N HIS B 345 24.60 36.31 -29.42
CA HIS B 345 25.81 36.44 -28.62
C HIS B 345 27.08 36.54 -29.46
N GLU B 346 27.10 35.83 -30.58
CA GLU B 346 28.29 35.83 -31.45
C GLU B 346 28.36 37.13 -32.23
N LEU B 347 27.25 37.83 -32.33
CA LEU B 347 27.21 39.12 -33.01
C LEU B 347 27.64 40.25 -32.09
N GLY B 348 27.79 39.92 -30.81
CA GLY B 348 28.16 40.91 -29.81
C GLY B 348 27.00 41.77 -29.35
N GLY B 349 27.11 42.30 -28.14
CA GLY B 349 26.08 43.17 -27.61
C GLY B 349 24.98 42.43 -26.88
N PHE B 350 25.09 41.11 -26.82
CA PHE B 350 24.09 40.31 -26.13
C PHE B 350 24.74 39.13 -25.43
N THR B 351 24.29 38.88 -24.20
CA THR B 351 24.79 37.77 -23.40
C THR B 351 23.64 37.22 -22.56
N TYR B 352 23.77 35.97 -22.13
CA TYR B 352 22.71 35.33 -21.36
C TYR B 352 23.25 34.16 -20.55
N GLU B 353 22.40 33.62 -19.68
CA GLU B 353 22.75 32.47 -18.88
C GLU B 353 21.61 31.47 -18.78
N THR B 354 21.95 30.19 -18.74
CA THR B 354 20.97 29.13 -18.52
C THR B 354 21.41 28.21 -17.40
N GLN B 355 20.45 27.51 -16.81
CA GLN B 355 20.77 26.44 -15.87
C GLN B 355 19.97 25.20 -16.29
N ALA B 356 20.44 24.03 -15.89
CA ALA B 356 19.82 22.78 -16.30
C ALA B 356 18.57 22.50 -15.48
N SER B 357 17.59 21.86 -16.12
CA SER B 357 16.40 21.38 -15.44
C SER B 357 15.90 20.13 -16.15
N LEU B 358 14.87 19.50 -15.60
CA LEU B 358 14.34 18.27 -16.20
C LEU B 358 13.56 18.58 -17.47
N SER B 359 13.25 19.85 -17.69
CA SER B 359 12.57 20.27 -18.90
C SER B 359 13.56 20.81 -19.94
N GLY B 360 14.85 20.80 -19.60
CA GLY B 360 15.86 21.36 -20.46
C GLY B 360 16.43 22.67 -19.96
N PRO B 361 17.13 23.40 -20.84
CA PRO B 361 17.78 24.67 -20.48
C PRO B 361 16.78 25.75 -20.06
N TYR B 362 16.99 26.29 -18.86
CA TYR B 362 16.11 27.29 -18.28
C TYR B 362 16.78 28.67 -18.30
N LEU B 363 16.11 29.67 -18.85
CA LEU B 363 16.71 31.00 -18.97
C LEU B 363 16.72 31.74 -17.64
N THR B 364 17.92 32.04 -17.14
CA THR B 364 18.07 32.65 -15.82
C THR B 364 18.54 34.10 -15.86
N SER B 365 19.32 34.44 -16.89
CA SER B 365 19.90 35.78 -16.97
C SER B 365 19.94 36.29 -18.40
N VAL B 366 19.63 37.58 -18.56
CA VAL B 366 19.75 38.24 -19.86
C VAL B 366 20.54 39.54 -19.73
N MET B 367 21.64 39.61 -20.48
CA MET B 367 22.48 40.79 -20.53
C MET B 367 22.93 41.30 -19.16
N GLY B 368 23.27 40.36 -18.28
CA GLY B 368 23.84 40.69 -16.99
C GLY B 368 22.83 40.71 -15.87
N LYS B 369 21.55 40.76 -16.22
CA LYS B 369 20.50 40.86 -15.22
C LYS B 369 19.87 39.51 -14.93
N ALA B 370 20.17 38.97 -13.76
CA ALA B 370 19.60 37.70 -13.33
C ALA B 370 18.25 37.91 -12.67
N ALA B 371 17.30 37.03 -12.98
CA ALA B 371 16.00 37.06 -12.32
C ALA B 371 16.18 36.83 -10.83
N GLY B 372 15.58 37.70 -10.02
CA GLY B 372 15.65 37.56 -8.58
C GLY B 372 14.50 36.74 -8.03
N GLU B 373 14.19 36.94 -6.74
CA GLU B 373 13.17 36.15 -6.08
C GLU B 373 11.78 36.42 -6.67
N ARG B 374 11.10 35.33 -7.02
CA ARG B 374 9.76 35.37 -7.63
C ARG B 374 9.66 36.23 -8.88
N GLU B 375 10.77 36.34 -9.60
CA GLU B 375 10.72 36.87 -10.96
C GLU B 375 11.36 35.84 -11.87
N PHE B 376 11.03 35.91 -13.16
CA PHE B 376 11.68 35.06 -14.14
C PHE B 376 11.70 35.74 -15.49
N TRP B 377 12.57 35.27 -16.37
CA TRP B 377 12.61 35.78 -17.74
C TRP B 377 11.59 35.05 -18.60
N GLN B 378 10.52 35.75 -18.92
CA GLN B 378 9.43 35.19 -19.71
C GLN B 378 9.70 35.28 -21.20
N LEU B 379 9.36 34.22 -21.93
CA LEU B 379 9.54 34.18 -23.37
C LEU B 379 8.22 34.51 -24.09
N LEU B 380 8.27 35.48 -24.99
CA LEU B 380 7.06 35.86 -25.74
C LEU B 380 7.30 35.97 -27.23
N ARG B 381 6.23 35.78 -27.98
CA ARG B 381 6.22 36.07 -29.41
C ARG B 381 5.13 37.11 -29.59
N ASP B 382 4.96 37.66 -30.79
CA ASP B 382 3.95 38.70 -30.99
C ASP B 382 2.61 38.09 -31.38
N PRO B 383 1.50 38.65 -30.87
CA PRO B 383 1.52 39.85 -30.03
C PRO B 383 1.37 39.62 -28.56
N ASN B 384 2.42 39.94 -27.82
CA ASN B 384 2.39 39.83 -26.38
C ASN B 384 1.89 38.45 -25.96
N THR B 385 2.38 37.40 -26.64
CA THR B 385 1.90 36.05 -26.41
C THR B 385 3.00 35.15 -25.86
N PRO B 386 2.87 34.72 -24.59
CA PRO B 386 3.86 33.85 -23.94
C PRO B 386 4.06 32.53 -24.69
N LEU B 387 5.30 32.09 -24.83
CA LEU B 387 5.55 30.80 -25.47
C LEU B 387 5.07 29.66 -24.60
N LEU B 388 4.72 28.54 -25.23
CA LEU B 388 4.34 27.35 -24.50
C LEU B 388 5.49 26.35 -24.44
N GLN B 389 6.62 26.73 -25.03
CA GLN B 389 7.83 25.91 -25.01
C GLN B 389 9.05 26.75 -24.63
N GLY B 390 10.10 26.09 -24.15
CA GLY B 390 11.31 26.77 -23.76
C GLY B 390 12.22 27.10 -24.90
N ILE B 391 13.36 27.69 -24.57
CA ILE B 391 14.29 28.18 -25.59
C ILE B 391 14.88 27.05 -26.44
N ALA B 392 14.91 25.83 -25.90
CA ALA B 392 15.51 24.72 -26.63
C ALA B 392 14.50 23.97 -27.47
N ASP B 393 13.22 24.31 -27.32
CA ASP B 393 12.16 23.62 -28.06
C ASP B 393 11.42 24.51 -29.05
N TYR B 394 11.18 25.77 -28.69
CA TYR B 394 10.43 26.64 -29.60
C TYR B 394 11.25 26.98 -30.83
N ARG B 395 10.65 26.81 -32.00
CA ARG B 395 11.31 27.07 -33.26
C ARG B 395 10.58 28.15 -34.05
N PRO B 396 11.09 29.39 -33.96
CA PRO B 396 10.42 30.57 -34.53
C PRO B 396 10.31 30.53 -36.05
N LYS B 397 9.20 31.05 -36.56
CA LYS B 397 9.00 31.17 -38.00
C LYS B 397 9.70 32.43 -38.49
N ASP B 398 9.86 32.56 -39.79
CA ASP B 398 10.46 33.75 -40.37
C ASP B 398 9.63 34.99 -40.09
N GLY B 399 10.28 36.04 -39.60
CA GLY B 399 9.60 37.30 -39.35
C GLY B 399 9.03 37.40 -37.96
N GLU B 400 9.21 36.35 -37.17
CA GLU B 400 8.68 36.35 -35.82
C GLU B 400 9.55 37.21 -34.93
N THR B 401 8.94 37.76 -33.87
CA THR B 401 9.69 38.56 -32.91
C THR B 401 9.65 37.86 -31.57
N ILE B 402 10.83 37.57 -31.03
CA ILE B 402 10.92 36.92 -29.73
C ILE B 402 11.33 37.95 -28.69
N GLU B 403 10.51 38.10 -27.66
CA GLU B 403 10.83 39.01 -26.58
C GLU B 403 11.23 38.26 -25.32
N LEU B 404 12.28 38.75 -24.67
CA LEU B 404 12.64 38.28 -23.35
C LEU B 404 12.25 39.38 -22.35
N ARG B 405 11.28 39.07 -21.51
CA ARG B 405 10.74 40.05 -20.57
C ARG B 405 10.89 39.58 -19.14
N LEU B 406 11.48 40.42 -18.29
CA LEU B 406 11.63 40.09 -16.88
C LEU B 406 10.33 40.38 -16.16
N VAL B 407 9.64 39.34 -15.72
CA VAL B 407 8.34 39.53 -15.09
C VAL B 407 8.32 39.00 -13.65
N SER B 408 7.42 39.57 -12.86
CA SER B 408 7.27 39.16 -11.47
C SER B 408 5.99 38.35 -11.32
N TRP B 409 6.05 37.26 -10.56
CA TRP B 409 4.88 36.40 -10.41
C TRP B 409 4.66 36.04 -8.96
N SER C 1 21.55 -11.49 30.30
CA SER C 1 20.36 -12.04 30.95
C SER C 1 19.66 -13.05 30.05
N CYS C 2 20.43 -13.72 29.18
CA CYS C 2 19.86 -14.66 28.21
C CYS C 2 20.52 -16.04 28.28
N PRO C 3 19.97 -17.02 27.57
CA PRO C 3 20.53 -18.38 27.58
C PRO C 3 21.73 -18.64 26.66
N PRO C 4 22.39 -19.81 26.83
CA PRO C 4 23.56 -20.22 26.04
C PRO C 4 23.28 -20.69 24.62
N THR C 5 22.16 -21.36 24.38
CA THR C 5 21.90 -21.92 23.06
C THR C 5 21.02 -20.97 22.26
N LYS C 6 20.80 -19.79 22.83
CA LYS C 6 20.13 -18.70 22.14
C LYS C 6 21.00 -17.44 22.14
N PHE C 7 20.64 -16.49 21.32
CA PHE C 7 21.39 -15.24 21.19
C PHE C 7 20.73 -14.22 22.13
N GLN C 8 21.24 -13.00 22.15
CA GLN C 8 20.77 -11.92 23.01
C GLN C 8 20.79 -10.73 22.08
N CYS C 9 20.29 -9.56 22.42
CA CYS C 9 20.17 -8.66 21.28
C CYS C 9 20.69 -7.22 21.41
N ARG C 10 20.84 -6.65 22.61
CA ARG C 10 21.35 -5.27 22.83
C ARG C 10 20.41 -4.05 22.71
N THR C 11 19.16 -4.19 22.28
CA THR C 11 18.25 -3.04 22.41
C THR C 11 16.92 -3.43 23.04
N SER C 12 16.52 -4.67 22.84
CA SER C 12 15.28 -5.19 23.40
C SER C 12 15.66 -6.14 24.51
N GLY C 13 16.70 -6.90 24.22
CA GLY C 13 17.21 -7.87 25.16
C GLY C 13 16.38 -9.12 24.96
N LEU C 14 15.44 -9.05 24.01
CA LEU C 14 14.64 -10.22 23.68
C LEU C 14 15.59 -11.16 22.98
N CYS C 15 15.75 -12.34 23.54
CA CYS C 15 16.70 -13.28 23.02
C CYS C 15 16.13 -14.03 21.79
N VAL C 16 17.02 -14.34 20.88
CA VAL C 16 16.70 -14.81 19.54
C VAL C 16 17.60 -16.00 19.25
N PRO C 17 17.09 -17.03 18.56
CA PRO C 17 17.96 -18.15 18.20
C PRO C 17 19.10 -17.66 17.31
N LEU C 18 20.14 -18.45 17.15
CA LEU C 18 21.27 -18.03 16.35
C LEU C 18 21.52 -19.08 15.27
N THR C 19 20.44 -19.60 14.70
CA THR C 19 20.53 -20.12 13.36
C THR C 19 19.95 -18.96 12.59
N TRP C 20 19.85 -17.85 13.31
CA TRP C 20 19.36 -16.58 12.83
C TRP C 20 20.52 -15.64 12.71
N ARG C 21 21.69 -16.15 13.01
CA ARG C 21 22.82 -15.24 12.98
C ARG C 21 24.03 -15.50 12.14
N CYS C 22 24.29 -14.54 11.31
CA CYS C 22 23.25 -13.52 11.13
C CYS C 22 22.97 -13.51 9.67
N ASP C 23 21.75 -13.91 9.39
CA ASP C 23 21.34 -14.51 8.14
C ASP C 23 20.90 -13.50 7.09
N ARG C 24 21.66 -12.42 6.98
CA ARG C 24 21.43 -11.39 5.98
C ARG C 24 20.11 -10.64 6.16
N ASP C 25 19.35 -10.94 7.22
CA ASP C 25 18.15 -10.14 7.52
C ASP C 25 18.06 -9.74 8.98
N LEU C 26 17.36 -8.65 9.22
CA LEU C 26 17.31 -8.03 10.53
C LEU C 26 16.20 -8.63 11.40
N ASP C 27 16.57 -9.67 12.16
CA ASP C 27 15.66 -10.37 13.07
C ASP C 27 15.55 -9.56 14.35
N CYS C 28 16.65 -8.90 14.70
CA CYS C 28 16.63 -7.99 15.84
C CYS C 28 16.49 -6.52 15.51
N SER C 29 15.92 -5.86 16.49
CA SER C 29 16.27 -4.58 17.09
C SER C 29 17.20 -3.46 16.59
N ASP C 30 18.47 -3.78 16.80
CA ASP C 30 19.67 -2.94 16.79
C ASP C 30 20.33 -3.17 15.50
N GLY C 31 20.34 -4.44 15.14
CA GLY C 31 21.13 -4.91 14.03
C GLY C 31 22.17 -5.91 14.45
N SER C 32 22.65 -5.88 15.70
CA SER C 32 23.53 -6.96 16.16
C SER C 32 22.63 -8.19 16.19
N ASP C 33 22.61 -8.76 15.00
CA ASP C 33 21.71 -9.76 14.50
C ASP C 33 22.01 -9.75 13.02
N ARG C 76 16.67 -37.91 -11.01
CA ARG C 76 15.99 -36.76 -10.43
C ARG C 76 14.48 -36.98 -10.39
N LEU C 77 13.80 -36.21 -9.55
CA LEU C 77 12.37 -36.39 -9.36
C LEU C 77 11.67 -35.35 -10.25
N ALA C 78 11.21 -35.78 -11.43
CA ALA C 78 10.59 -34.90 -12.42
C ALA C 78 9.40 -34.10 -11.89
N CYS C 79 9.43 -32.79 -12.13
CA CYS C 79 8.34 -31.90 -11.74
C CYS C 79 7.01 -32.37 -12.33
N LEU C 80 5.92 -32.08 -11.62
CA LEU C 80 4.59 -32.40 -12.13
C LEU C 80 4.31 -31.56 -13.38
N ALA C 81 3.38 -32.00 -14.20
CA ALA C 81 2.97 -31.21 -15.35
C ALA C 81 2.37 -29.90 -14.87
N GLY C 82 2.70 -28.81 -15.54
CA GLY C 82 2.26 -27.49 -15.11
C GLY C 82 3.16 -26.88 -14.06
N GLU C 83 4.26 -27.58 -13.74
CA GLU C 83 5.24 -27.04 -12.81
C GLU C 83 6.54 -26.66 -13.50
N LEU C 84 7.46 -26.10 -12.73
CA LEU C 84 8.67 -25.49 -13.27
C LEU C 84 9.81 -25.64 -12.26
N ARG C 85 10.99 -26.03 -12.76
CA ARG C 85 12.13 -26.33 -11.90
C ARG C 85 12.98 -25.07 -11.67
N CYS C 86 13.49 -24.87 -10.46
CA CYS C 86 14.37 -23.72 -10.24
C CYS C 86 15.71 -23.96 -10.92
N THR C 87 16.49 -22.91 -11.12
CA THR C 87 17.75 -23.04 -11.85
C THR C 87 18.91 -23.57 -11.00
N LEU C 88 19.13 -22.99 -9.84
CA LEU C 88 20.29 -23.34 -9.00
C LEU C 88 19.95 -24.37 -7.94
N SER C 89 18.85 -25.06 -8.18
CA SER C 89 18.34 -26.04 -7.24
C SER C 89 17.32 -26.95 -7.92
N ASP C 90 16.86 -27.90 -7.09
CA ASP C 90 15.78 -28.89 -7.31
C ASP C 90 14.35 -28.45 -7.01
N ASP C 91 14.14 -27.20 -6.62
CA ASP C 91 12.82 -26.83 -6.16
C ASP C 91 11.84 -26.79 -7.34
N CYS C 92 10.60 -27.21 -7.12
CA CYS C 92 9.61 -27.05 -8.18
C CYS C 92 8.46 -26.16 -7.74
N ILE C 93 7.99 -25.35 -8.69
CA ILE C 93 6.97 -24.34 -8.44
C ILE C 93 5.98 -24.34 -9.59
N PRO C 94 4.72 -24.02 -9.32
CA PRO C 94 3.71 -23.92 -10.38
C PRO C 94 4.11 -22.89 -11.42
N LEU C 95 3.83 -23.17 -12.69
CA LEU C 95 4.11 -22.25 -13.78
C LEU C 95 3.55 -20.86 -13.52
N THR C 96 2.40 -20.80 -12.85
CA THR C 96 1.73 -19.53 -12.59
C THR C 96 2.48 -18.64 -11.60
N TRP C 97 3.49 -19.20 -10.94
CA TRP C 97 4.30 -18.41 -10.03
C TRP C 97 5.46 -17.75 -10.73
N ARG C 98 5.58 -17.96 -12.04
CA ARG C 98 6.66 -17.29 -12.74
C ARG C 98 6.25 -15.88 -13.08
N CYS C 99 7.14 -14.94 -12.77
CA CYS C 99 6.87 -13.51 -12.92
C CYS C 99 5.56 -13.06 -12.27
N ASP C 100 5.39 -13.38 -11.00
CA ASP C 100 4.21 -12.95 -10.24
C ASP C 100 4.60 -11.95 -9.15
N GLY C 101 5.84 -11.47 -9.19
CA GLY C 101 6.29 -10.42 -8.31
C GLY C 101 6.95 -10.85 -7.00
N HIS C 102 7.00 -12.15 -6.76
CA HIS C 102 7.61 -12.66 -5.53
C HIS C 102 8.58 -13.80 -5.86
N PRO C 103 9.79 -13.74 -5.30
CA PRO C 103 10.79 -14.78 -5.55
C PRO C 103 10.49 -16.07 -4.79
N ASP C 104 9.91 -17.05 -5.47
CA ASP C 104 9.54 -18.31 -4.83
C ASP C 104 10.69 -19.31 -4.86
N CYS C 105 11.65 -19.07 -5.73
CA CYS C 105 12.85 -19.90 -5.79
C CYS C 105 13.93 -19.32 -4.88
N PRO C 106 14.73 -20.20 -4.27
CA PRO C 106 15.82 -19.77 -3.38
C PRO C 106 16.81 -18.83 -4.06
N ASP C 107 16.90 -18.88 -5.38
CA ASP C 107 17.81 -18.03 -6.13
C ASP C 107 17.07 -17.06 -7.04
N SER C 108 15.75 -16.95 -6.82
CA SER C 108 14.90 -16.00 -7.53
C SER C 108 14.88 -16.22 -9.04
N SER C 109 15.13 -17.45 -9.48
CA SER C 109 15.12 -17.80 -10.89
C SER C 109 13.80 -17.43 -11.56
N ASP C 110 12.70 -17.63 -10.84
CA ASP C 110 11.38 -17.40 -11.40
C ASP C 110 11.10 -15.92 -11.69
N GLU C 111 11.79 -15.01 -11.00
CA GLU C 111 11.55 -13.59 -11.20
C GLU C 111 12.70 -12.90 -11.94
N LEU C 112 13.34 -13.66 -12.81
CA LEU C 112 14.36 -13.14 -13.72
C LEU C 112 13.82 -13.33 -15.13
N GLY C 113 14.02 -12.33 -15.98
CA GLY C 113 13.48 -12.32 -17.32
C GLY C 113 12.11 -11.68 -17.29
N CYS C 114 11.92 -10.86 -16.26
CA CYS C 114 10.72 -10.05 -16.07
C CYS C 114 11.12 -8.60 -16.33
N GLY C 115 10.48 -7.95 -17.30
CA GLY C 115 9.36 -8.55 -18.01
C GLY C 115 9.56 -8.66 -19.51
N THR C 116 8.66 -9.45 -20.10
CA THR C 116 8.72 -9.88 -21.48
C THR C 116 7.79 -8.89 -22.22
N ASN C 117 7.43 -9.19 -23.46
CA ASN C 117 6.20 -8.63 -24.00
C ASN C 117 5.48 -9.72 -24.76
N GLU C 118 4.15 -9.64 -24.66
CA GLU C 118 3.15 -10.65 -25.02
C GLU C 118 2.77 -11.42 -23.75
N SER D 1 35.44 -6.04 -15.67
CA SER D 1 34.58 -5.03 -16.29
C SER D 1 34.32 -3.85 -15.35
N CYS D 2 35.28 -3.54 -14.48
CA CYS D 2 35.05 -2.50 -13.46
C CYS D 2 36.21 -1.49 -13.38
N PRO D 3 36.02 -0.40 -12.59
CA PRO D 3 37.10 0.47 -12.11
C PRO D 3 37.74 -0.06 -10.83
N PRO D 4 38.83 0.57 -10.35
CA PRO D 4 39.46 0.11 -9.10
C PRO D 4 38.73 0.45 -7.76
N THR D 5 38.60 1.70 -7.32
CA THR D 5 37.94 1.92 -6.02
C THR D 5 36.49 2.43 -6.10
N LYS D 6 35.72 1.80 -6.96
CA LYS D 6 34.31 1.62 -6.72
C LYS D 6 34.26 0.10 -6.66
N PHE D 7 33.21 -0.49 -6.09
CA PHE D 7 33.15 -1.94 -5.95
C PHE D 7 32.34 -2.48 -7.12
N GLN D 8 32.07 -3.78 -7.17
CA GLN D 8 31.32 -4.39 -8.27
C GLN D 8 30.30 -5.37 -7.70
N CYS D 9 29.30 -5.80 -8.46
CA CYS D 9 28.17 -6.45 -7.78
C CYS D 9 27.87 -7.79 -8.50
N ARG D 10 27.38 -8.79 -7.78
CA ARG D 10 27.49 -10.16 -8.31
C ARG D 10 26.49 -10.82 -9.26
N THR D 11 25.25 -10.35 -9.42
CA THR D 11 24.39 -11.11 -10.32
C THR D 11 24.09 -10.34 -11.60
N SER D 12 24.06 -9.01 -11.54
CA SER D 12 23.83 -8.29 -12.78
C SER D 12 25.06 -7.45 -13.19
N GLY D 13 26.09 -7.40 -12.35
CA GLY D 13 27.36 -6.80 -12.75
C GLY D 13 27.54 -5.30 -12.65
N LEU D 14 26.54 -4.61 -12.11
CA LEU D 14 26.64 -3.16 -11.94
C LEU D 14 27.65 -2.79 -10.84
N CYS D 15 28.65 -1.97 -11.18
CA CYS D 15 29.66 -1.56 -10.18
C CYS D 15 29.06 -0.49 -9.24
N VAL D 16 29.50 -0.51 -7.98
CA VAL D 16 28.91 0.28 -6.91
C VAL D 16 30.04 0.94 -6.08
N PRO D 17 29.84 2.19 -5.61
CA PRO D 17 30.90 2.79 -4.76
C PRO D 17 31.15 1.94 -3.51
N LEU D 18 32.27 2.13 -2.82
CA LEU D 18 32.51 1.28 -1.64
C LEU D 18 32.80 2.00 -0.33
N THR D 19 32.07 3.07 -0.06
CA THR D 19 31.76 3.43 1.31
C THR D 19 30.33 2.96 1.47
N TRP D 20 29.93 2.12 0.52
CA TRP D 20 28.65 1.43 0.51
C TRP D 20 28.90 -0.04 0.84
N ARG D 21 30.15 -0.39 1.11
CA ARG D 21 30.51 -1.78 1.36
C ARG D 21 30.95 -2.07 2.80
N CYS D 22 30.11 -2.79 3.53
CA CYS D 22 28.72 -2.99 3.14
C CYS D 22 27.85 -2.53 4.29
N ASP D 23 27.05 -1.52 4.01
CA ASP D 23 26.51 -0.60 5.00
C ASP D 23 25.17 -0.99 5.62
N ARG D 24 24.99 -2.28 5.87
CA ARG D 24 23.76 -2.79 6.48
C ARG D 24 22.55 -2.62 5.56
N ASP D 25 22.77 -2.19 4.31
CA ASP D 25 21.70 -2.22 3.31
C ASP D 25 22.09 -2.93 2.03
N LEU D 26 21.06 -3.40 1.35
CA LEU D 26 21.20 -4.17 0.12
C LEU D 26 21.14 -3.18 -1.07
N ASP D 27 22.28 -2.69 -1.51
CA ASP D 27 22.18 -1.82 -2.66
C ASP D 27 22.09 -2.63 -3.95
N CYS D 28 22.73 -3.78 -3.96
CA CYS D 28 22.60 -4.63 -5.11
C CYS D 28 21.61 -5.76 -4.80
N SER D 29 20.98 -6.28 -5.84
CA SER D 29 19.95 -7.32 -5.71
C SER D 29 20.44 -8.65 -5.16
N ASP D 30 21.75 -8.85 -5.17
CA ASP D 30 22.33 -10.17 -4.96
C ASP D 30 22.60 -10.51 -3.49
N GLY D 31 23.24 -9.60 -2.77
CA GLY D 31 23.69 -9.91 -1.43
C GLY D 31 25.20 -10.00 -1.43
N SER D 32 25.84 -9.13 -2.20
CA SER D 32 27.28 -8.98 -2.14
C SER D 32 27.50 -7.57 -1.64
N ASP D 33 26.91 -7.30 -0.48
CA ASP D 33 26.64 -5.93 -0.10
C ASP D 33 25.81 -5.94 1.18
N ARG D 76 26.42 22.38 19.99
CA ARG D 76 26.83 23.69 19.50
C ARG D 76 25.65 24.63 19.34
N LEU D 77 24.80 24.30 18.38
CA LEU D 77 23.65 25.10 18.01
C LEU D 77 22.34 24.66 18.64
N ALA D 78 21.90 25.44 19.62
CA ALA D 78 20.65 25.18 20.29
C ALA D 78 19.54 25.09 19.26
N CYS D 79 18.76 24.01 19.33
CA CYS D 79 17.64 23.82 18.42
C CYS D 79 16.70 25.00 18.43
N LEU D 80 16.03 25.22 17.32
CA LEU D 80 15.01 26.28 17.24
C LEU D 80 13.85 25.94 18.16
N ALA D 81 13.07 26.95 18.53
CA ALA D 81 11.86 26.71 19.30
C ALA D 81 10.91 25.87 18.46
N GLY D 82 10.24 24.92 19.11
CA GLY D 82 9.36 24.01 18.39
C GLY D 82 10.13 22.86 17.79
N GLU D 83 11.43 22.81 18.07
CA GLU D 83 12.24 21.70 17.62
C GLU D 83 12.66 20.85 18.82
N LEU D 84 13.36 19.76 18.53
CA LEU D 84 13.63 18.74 19.52
C LEU D 84 14.98 18.11 19.26
N ARG D 85 15.76 17.93 20.30
CA ARG D 85 17.10 17.37 20.15
C ARG D 85 17.05 15.85 20.24
N CYS D 86 17.84 15.22 19.40
CA CYS D 86 17.96 13.77 19.37
C CYS D 86 18.70 13.29 20.61
N THR D 87 18.74 11.97 20.81
CA THR D 87 19.31 11.42 22.03
C THR D 87 20.82 11.57 22.02
N LEU D 88 21.46 11.19 20.92
CA LEU D 88 22.92 11.32 20.94
C LEU D 88 23.39 12.58 20.22
N SER D 89 22.95 12.80 18.98
CA SER D 89 23.57 13.81 18.12
C SER D 89 23.33 15.32 18.37
N ASP D 90 23.94 16.08 17.49
CA ASP D 90 23.81 17.53 17.34
C ASP D 90 22.53 17.80 16.53
N ASP D 91 21.87 16.72 16.15
CA ASP D 91 20.71 16.77 15.25
C ASP D 91 19.46 17.33 15.91
N CYS D 92 18.71 18.12 15.13
CA CYS D 92 17.45 18.70 15.60
C CYS D 92 16.30 18.25 14.73
N ILE D 93 15.13 18.10 15.35
CA ILE D 93 13.97 17.59 14.66
C ILE D 93 12.74 18.41 15.07
N PRO D 94 11.83 18.69 14.13
CA PRO D 94 10.59 19.36 14.50
C PRO D 94 9.79 18.50 15.47
N LEU D 95 9.15 19.11 16.46
CA LEU D 95 8.34 18.36 17.43
C LEU D 95 7.34 17.44 16.73
N THR D 96 6.82 17.89 15.59
CA THR D 96 5.81 17.15 14.84
C THR D 96 6.33 15.88 14.16
N TRP D 97 7.64 15.70 14.11
CA TRP D 97 8.18 14.47 13.53
C TRP D 97 8.32 13.39 14.57
N ARG D 98 7.97 13.68 15.81
CA ARG D 98 8.04 12.65 16.82
C ARG D 98 6.80 11.79 16.72
N CYS D 99 7.02 10.48 16.71
CA CYS D 99 5.99 9.48 16.50
C CYS D 99 5.16 9.75 15.24
N ASP D 100 5.84 9.90 14.11
CA ASP D 100 5.13 10.07 12.83
C ASP D 100 5.36 8.86 11.92
N GLY D 101 5.91 7.79 12.48
CA GLY D 101 6.04 6.53 11.78
C GLY D 101 7.35 6.35 11.02
N HIS D 102 8.20 7.37 11.05
CA HIS D 102 9.49 7.29 10.36
C HIS D 102 10.64 7.74 11.26
N PRO D 103 11.73 6.97 11.30
CA PRO D 103 12.88 7.31 12.15
C PRO D 103 13.71 8.46 11.58
N ASP D 104 13.49 9.67 12.10
CA ASP D 104 14.22 10.84 11.62
C ASP D 104 15.53 11.06 12.35
N CYS D 105 15.68 10.45 13.52
CA CYS D 105 16.95 10.46 14.24
C CYS D 105 17.76 9.23 13.86
N PRO D 106 19.11 9.37 13.84
CA PRO D 106 20.04 8.29 13.49
C PRO D 106 19.89 7.02 14.34
N ASP D 107 19.33 7.15 15.54
CA ASP D 107 19.15 5.99 16.42
C ASP D 107 17.67 5.73 16.66
N SER D 108 16.82 6.35 15.86
CA SER D 108 15.36 6.16 15.89
C SER D 108 14.73 6.56 17.22
N SER D 109 15.39 7.47 17.94
CA SER D 109 14.91 7.96 19.22
C SER D 109 13.51 8.55 19.14
N ASP D 110 13.23 9.22 18.02
CA ASP D 110 11.96 9.91 17.82
C ASP D 110 10.78 8.94 17.70
N GLU D 111 11.06 7.68 17.36
CA GLU D 111 10.02 6.68 17.21
C GLU D 111 10.04 5.59 18.28
N LEU D 112 10.43 5.94 19.51
CA LEU D 112 10.38 4.97 20.61
C LEU D 112 9.35 5.34 21.66
N GLY D 113 8.52 4.39 22.07
CA GLY D 113 7.56 4.68 23.11
C GLY D 113 6.32 5.39 22.59
N CYS D 114 5.90 5.10 21.37
CA CYS D 114 4.81 5.86 20.77
C CYS D 114 3.42 5.21 20.82
N GLY D 115 3.20 4.29 21.78
CA GLY D 115 1.92 3.60 21.90
C GLY D 115 1.27 3.82 23.26
N THR D 116 0.94 5.10 23.55
CA THR D 116 0.47 5.74 24.85
C THR D 116 -1.04 6.14 24.94
N ASN D 117 -1.38 7.07 24.05
CA ASN D 117 -2.19 8.30 24.25
C ASN D 117 -1.31 9.54 23.96
CO CNC E . -17.11 -23.51 13.50
N21 CNC E . -16.90 -22.21 14.73
N22 CNC E . -18.09 -24.57 14.59
N23 CNC E . -16.24 -24.82 12.52
N24 CNC E . -16.93 -22.36 12.29
C1 CNC E . -16.49 -20.96 14.25
C20 CNC E . -14.85 -20.74 14.46
C2 CNC E . -17.30 -19.94 15.10
C25 CNC E . -17.52 -18.55 14.74
C26 CNC E . -18.52 -20.17 14.18
C27 CNC E . -19.90 -19.43 14.40
O28 CNC E . -20.71 -19.87 15.23
N29 CNC E . -20.31 -18.34 13.66
C3 CNC E . -17.85 -20.71 16.33
C30 CNC E . -17.74 -20.66 16.55
C31 CNC E . -18.68 -19.64 17.67
C32 CNC E . -17.88 -19.14 19.07
O34 CNC E . -16.67 -19.36 19.24
N33 CNC E . -18.73 -18.36 20.23
C4 CNC E . -17.53 -22.08 16.03
C5 CNC E . -19.01 -22.86 16.22
C35 CNC E . -20.24 -22.48 17.06
C6 CNC E . -19.13 -24.27 15.47
C7 CNC E . -19.42 -25.63 16.27
C36 CNC E . -19.41 -25.60 17.75
C37 CNC E . -20.76 -26.11 15.98
C38 CNC E . -21.31 -27.13 16.87
O39 CNC E . -20.85 -28.27 16.87
N40 CNC E . -22.42 -26.82 17.73
C8 CNC E . -18.37 -26.64 15.77
C41 CNC E . -17.38 -27.08 16.83
C42 CNC E . -17.69 -28.52 17.49
C43 CNC E . -16.40 -29.15 18.08
O44 CNC E . -15.74 -28.55 18.88
N45 CNC E . -15.96 -30.58 17.65
C9 CNC E . -17.69 -25.85 14.77
C10 CNC E . -17.66 -26.86 13.54
C11 CNC E . -16.97 -26.05 12.32
C12 CNC E . -16.39 -26.85 11.11
C46 CNC E . -16.36 -28.49 11.45
C47 CNC E . -17.25 -26.90 9.83
C13 CNC E . -15.04 -26.07 10.87
C48 CNC E . -13.83 -26.90 11.14
C49 CNC E . -13.50 -27.78 10.13
C50 CNC E . -12.93 -27.20 9.00
O51 CNC E . -12.33 -26.10 9.08
N52 CNC E . -13.03 -27.81 7.85
C14 CNC E . -15.17 -24.83 11.69
C15 CNC E . -15.34 -23.71 10.58
C53 CNC E . -14.91 -24.00 9.18
C16 CNC E . -16.25 -22.54 10.91
C17 CNC E . -15.65 -21.18 10.58
C54 CNC E . -16.21 -20.54 9.37
C55 CNC E . -14.09 -20.96 10.23
C56 CNC E . -13.06 -21.40 11.35
C57 CNC E . -11.57 -21.13 10.80
O58 CNC E . -11.10 -21.84 9.94
N59 CNC E . -10.76 -20.02 11.35
C18 CNC E . -15.91 -20.35 11.88
C60 CNC E . -16.19 -18.92 11.54
C61 CNC E . -15.39 -17.99 12.21
O63 CNC E . -14.30 -18.25 12.58
N62 CNC E . -15.89 -16.73 12.44
C19 CNC E . -16.99 -21.12 12.57
C1P CNC E . -9.44 -19.74 10.89
C2P CNC E . -8.46 -20.72 11.31
C3P CNC E . -7.14 -20.43 10.58
O3 CNC E . -8.23 -20.61 12.73
O4 CNC E . -8.55 -21.66 15.02
O5 CNC E . -6.91 -22.67 13.42
P CNC E . -8.26 -21.95 13.55
O2 CNC E . -9.43 -22.88 12.91
C3R CNC E . -9.84 -24.14 13.62
C2R CNC E . -10.69 -23.88 14.56
O7R CNC E . -11.57 -22.76 14.11
C1R CNC E . -11.51 -25.19 14.68
O6R CNC E . -11.53 -25.72 13.26
C4R CNC E . -10.63 -25.03 12.58
C5R CNC E . -9.63 -25.97 11.91
O8R CNC E . -10.21 -26.59 10.87
N1B CNC E . -12.76 -24.81 15.01
C8B CNC E . -13.22 -24.56 16.25
C2B CNC E . -13.78 -24.58 14.13
N3B CNC E . -14.88 -24.19 14.82
C9B CNC E . -14.55 -24.18 16.12
C4B CNC E . -15.33 -23.85 17.23
C5B CNC E . -14.77 -23.89 18.50
C5M CNC E . -15.85 -23.48 19.50
C6B CNC E . -13.44 -24.27 18.66
C6M CNC E . -12.88 -24.31 20.04
C7B CNC E . -12.65 -24.61 17.55
N1A CNC E . -20.32 -23.83 12.84
C1A CNC E . -19.14 -23.66 12.99
C1 GOL F . -21.50 -24.00 8.09
O1 GOL F . -21.10 -25.31 8.41
C2 GOL F . -20.29 -23.19 7.58
O2 GOL F . -19.19 -23.35 8.45
C3 GOL F . -19.93 -23.59 6.17
O3 GOL F . -19.48 -22.44 5.48
C1 GOL G . -25.09 -19.85 0.02
O1 GOL G . -26.31 -19.16 0.09
C2 GOL G . -23.92 -18.90 0.26
O2 GOL G . -23.24 -18.66 -0.95
C3 GOL G . -24.44 -17.58 0.85
O3 GOL G . -23.35 -16.80 1.27
C1 GOL H . -14.94 -40.99 7.73
O1 GOL H . -15.15 -41.86 8.82
C2 GOL H . -13.97 -41.61 6.74
O2 GOL H . -12.71 -40.98 6.83
C3 GOL H . -13.82 -43.10 7.02
O3 GOL H . -15.09 -43.71 7.04
CO CNC I . 6.84 26.75 -16.23
N21 CNC I . 6.93 25.39 -17.49
N22 CNC I . 6.98 28.14 -17.44
N23 CNC I . 7.91 27.42 -14.83
N24 CNC I . 5.84 25.81 -15.27
C1 CNC I . 6.41 24.18 -17.05
C20 CNC I . 7.59 23.15 -16.52
C2 CNC I . 5.73 23.59 -18.31
C25 CNC I . 4.65 22.57 -18.29
C26 CNC I . 4.47 24.52 -18.07
C27 CNC I . 3.22 24.60 -19.04
O28 CNC I . 3.23 25.41 -19.98
N29 CNC I . 2.07 23.86 -18.91
C3 CNC I . 6.37 24.25 -19.59
C30 CNC I . 6.29 24.30 -19.63
C31 CNC I . 5.84 23.59 -21.22
C32 CNC I . 6.88 22.63 -22.12
O34 CNC I . 7.90 22.16 -21.61
N33 CNC I . 6.57 22.29 -23.72
C4 CNC I . 7.03 25.37 -18.90
C5 CNC I . 6.40 26.72 -19.63
C35 CNC I . 5.82 26.94 -21.03
C6 CNC I . 6.69 28.10 -18.82
C7 CNC I . 7.60 29.24 -19.49
C36 CNC I . 8.40 28.90 -20.70
C37 CNC I . 6.75 30.29 -20.00
C38 CNC I . 7.38 31.39 -20.72
O39 CNC I . 8.24 32.12 -20.22
N40 CNC I . 6.93 31.65 -22.06
C8 CNC I . 8.43 29.78 -18.32
C41 CNC I . 9.91 29.36 -18.36
C42 CNC I . 10.82 30.43 -19.18
C43 CNC I . 12.35 30.33 -19.05
O44 CNC I . 12.98 29.46 -19.61
N45 CNC I . 13.11 31.38 -18.20
C9 CNC I . 7.54 29.35 -17.22
C10 CNC I . 8.67 29.65 -16.12
C11 CNC I . 8.67 28.65 -14.85
C12 CNC I . 8.13 29.33 -13.53
C46 CNC I . 8.74 30.85 -13.19
C47 CNC I . 6.63 29.73 -13.46
C13 CNC I . 8.39 28.09 -12.61
C48 CNC I . 9.81 28.00 -12.18
C49 CNC I . 10.19 28.81 -11.14
C50 CNC I . 9.82 28.30 -9.89
O51 CNC I . 9.96 27.08 -9.66
N52 CNC I . 9.36 29.09 -8.97
C14 CNC I . 7.99 27.01 -13.53
C15 CNC I . 6.67 26.46 -12.85
C53 CNC I . 6.55 26.50 -11.37
C16 CNC I . 5.67 25.79 -13.74
C17 CNC I . 5.31 24.36 -13.40
C54 CNC I . 4.01 24.21 -12.72
C55 CNC I . 6.17 23.42 -12.40
C56 CNC I . 7.60 23.02 -12.90
C57 CNC I . 8.29 22.12 -11.75
O58 CNC I . 8.53 22.61 -10.67
N59 CNC I . 8.63 20.70 -11.99
C18 CNC I . 5.37 23.63 -14.78
C60 CNC I . 4.28 22.62 -14.85
C61 CNC I . 4.71 21.33 -15.20
O63 CNC I . 5.81 20.97 -15.00
N62 CNC I . 3.82 20.48 -15.80
C19 CNC I . 5.33 24.75 -15.75
C1P CNC I . 9.22 19.89 -10.98
C2P CNC I . 10.63 20.12 -10.75
C3P CNC I . 11.09 19.22 -9.59
O3 CNC I . 11.40 19.76 -11.93
O4 CNC I . 12.92 20.45 -13.81
O5 CNC I . 13.71 20.64 -11.45
P CNC I . 12.51 20.77 -12.38
O2 CNC I . 11.84 22.26 -12.24
C3R CNC I . 12.36 23.49 -12.93
C2R CNC I . 12.11 23.50 -14.20
O7R CNC I . 10.75 22.96 -14.44
C1R CNC I . 12.16 25.02 -14.53
O6R CNC I . 11.74 25.70 -13.25
C4R CNC I . 11.48 24.70 -12.42
C5R CNC I . 11.89 25.05 -11.01
O8R CNC I . 13.23 25.16 -10.95
N1B CNC I . 11.23 25.29 -15.47
C8B CNC I . 11.39 25.14 -16.78
C2B CNC I . 9.96 25.74 -15.27
N3B CNC I . 9.35 25.89 -16.47
C9B CNC I . 10.21 25.52 -17.41
C4B CNC I . 10.09 25.47 -18.80
C5B CNC I . 11.18 25.03 -19.55
C5M CNC I . 10.79 25.05 -21.02
C6B CNC I . 12.37 24.64 -18.92
C6M CNC I . 13.49 24.20 -19.76
C7B CNC I . 12.49 24.70 -17.54
N1A CNC I . 3.99 28.40 -16.17
C1A CNC I . 5.02 27.79 -16.16
C1 GOL J . 18.48 2.28 -0.46
O1 GOL J . 19.73 2.92 -0.53
C2 GOL J . 18.60 0.88 -1.03
O2 GOL J . 19.96 0.61 -1.33
C3 GOL J . 18.10 -0.14 -0.01
O3 GOL J . 18.38 0.33 1.29
CA CA K . 7.44 -16.08 -8.34
CA CA L . 20.17 -11.98 11.11
CA CA M . 9.87 10.58 13.19
CA CA N . 25.50 -1.97 1.20
#